data_1OBH
#
_entry.id   1OBH
#
_cell.length_a   103.515
_cell.length_b   152.884
_cell.length_c   172.605
_cell.angle_alpha   90.00
_cell.angle_beta   90.00
_cell.angle_gamma   90.00
#
_symmetry.space_group_name_H-M   'C 2 2 21'
#
loop_
_entity.id
_entity.type
_entity.pdbx_description
1 polymer 'LEUCYL-TRNA SYNTHETASE'
2 non-polymer 'SULFATE ION'
3 non-polymer 'MERCURY (II) ION'
4 non-polymer NORVALINE
5 non-polymer '[(2R,3S,4R,5R)-5-(6-AMINO-9H-PURIN-9-YL)-3,4-DIHYDROXYTETRAHYDRO-2-FURANYL]METHYL SULFAMATE'
6 water water
#
_entity_poly.entity_id   1
_entity_poly.type   'polypeptide(L)'
_entity_poly.pdbx_seq_one_letter_code
;MEKYNPHAIEAKWQRFWEEKGFMKAKDLPGGRGKQYVLVMFPYPSGDLHMGHLKNYTMGDVLARFRRMQGYEVLHPMGWD
AFGLPAENAALKFGVHPKDWTYANIRQAKESLRLMGILYDWDREVTTCEPEYYRWNQWIFLKMWEKGLAYRAKGLVNWCP
KCQTVLANEQVVEGRCWRHEDTPVEKRELEQWYLRITAYAERLLKDLEGLNWPEKVKAMQRAWIGRSEGAEILFPVEGKE
VRIPVFTTRPDTLFGATFLVLAPEHPLTLELAAPEKREEVLAYVEAAKRKTEIERQAEGREKTGVFLGAYALNPATGERI
PIWTADYVLFGYGTGAIMAVPAHDQRDYEFARKFGLPIKKVIERPGEPLPEPLERAYEEPGIMVNSGPFDGTESEEGKRK
VIAWLEEKGLGKGRVTYRLRDWLISRQRYWGTPIPMVHCEACGVVPVPEEELPVLLPDLKDVEDIRPKGKSPLEAHPEFY
ETTCPKCGGPAKRDTDTMDTFFDSSWYYLRYTDPHNDRLPFDPEKANAWMPVDQYIGGVEHAVLHLLYSRFFTKFLHDLG
MVKVEEPFQGLFTQGMVLAWTDFGPVEVEGSVVRLPEPTRIRLEIPESALSLEDVRKMGAELRPHEDGTLHLWKPAVMSK
SKGNGVMVGPFVKEQGADIARITILFAAPPENEMVWTEEGVQGAWRFLNRIYRRVAEDREALLETSGVFQAEALEGKDRE
LYGKLHETLKKVTEDLEALRFNTAIAALMEFLNALYEYRKDRPVTPVYRTAIRYYLQMLFPFAPHLAEELWHWFWPDSLF
EAGWPELDEKALEKDVVEVAVQVNGRVRGTIHIPKDAPLEVARAEALKVRNVRAHLEGKEVVKEIYVPGKILNLVVRG
;
_entity_poly.pdbx_strand_id   A
#
# COMPACT_ATOMS: atom_id res chain seq x y z
N MET A 1 5.13 -48.65 14.83
CA MET A 1 5.28 -47.23 15.22
C MET A 1 4.30 -46.36 14.42
N GLU A 2 3.56 -45.51 15.14
CA GLU A 2 2.57 -44.64 14.50
C GLU A 2 3.26 -43.60 13.61
N LYS A 3 2.43 -42.75 12.99
CA LYS A 3 2.95 -41.71 12.12
C LYS A 3 2.34 -40.36 12.46
N TYR A 4 2.95 -39.31 11.91
CA TYR A 4 2.48 -37.95 12.14
C TYR A 4 1.01 -37.82 11.72
N ASN A 5 0.20 -37.26 12.61
CA ASN A 5 -1.22 -37.06 12.32
C ASN A 5 -1.64 -35.70 12.87
N PRO A 6 -1.80 -34.71 11.98
CA PRO A 6 -2.20 -33.34 12.32
C PRO A 6 -3.56 -33.22 13.02
N HIS A 7 -4.49 -34.09 12.63
CA HIS A 7 -5.83 -34.09 13.21
C HIS A 7 -5.80 -34.28 14.72
N ALA A 8 -6.64 -33.50 15.39
CA ALA A 8 -6.77 -33.52 16.85
C ALA A 8 -5.71 -32.72 17.60
N ILE A 9 -4.44 -32.98 17.32
CA ILE A 9 -3.42 -32.25 18.06
C ILE A 9 -3.47 -30.75 17.79
N GLU A 10 -3.81 -30.34 16.57
CA GLU A 10 -3.84 -28.91 16.25
C GLU A 10 -4.94 -28.16 17.00
N ALA A 11 -6.15 -28.72 17.02
CA ALA A 11 -7.25 -28.07 17.73
C ALA A 11 -6.90 -28.01 19.23
N LYS A 12 -6.23 -29.06 19.71
CA LYS A 12 -5.82 -29.12 21.11
C LYS A 12 -4.88 -27.97 21.48
N TRP A 13 -3.84 -27.77 20.68
CA TRP A 13 -2.90 -26.70 21.00
C TRP A 13 -3.43 -25.30 20.72
N GLN A 14 -4.27 -25.17 19.71
CA GLN A 14 -4.85 -23.89 19.40
C GLN A 14 -5.63 -23.35 20.61
N ARG A 15 -6.40 -24.22 21.26
CA ARG A 15 -7.17 -23.80 22.43
C ARG A 15 -6.24 -23.53 23.61
N PHE A 16 -5.21 -24.36 23.73
CA PHE A 16 -4.24 -24.20 24.80
C PHE A 16 -3.55 -22.83 24.75
N TRP A 17 -3.04 -22.44 23.58
CA TRP A 17 -2.36 -21.15 23.45
C TRP A 17 -3.30 -19.99 23.74
N GLU A 18 -4.53 -20.08 23.25
CA GLU A 18 -5.52 -19.02 23.47
C GLU A 18 -5.84 -18.87 24.97
N GLU A 19 -6.22 -19.97 25.63
CA GLU A 19 -6.55 -19.93 27.06
C GLU A 19 -5.40 -19.43 27.92
N LYS A 20 -4.18 -19.77 27.53
CA LYS A 20 -3.01 -19.34 28.28
C LYS A 20 -2.70 -17.87 28.03
N GLY A 21 -3.27 -17.31 26.96
CA GLY A 21 -3.04 -15.91 26.64
C GLY A 21 -1.58 -15.57 26.40
N PHE A 22 -0.82 -16.48 25.82
CA PHE A 22 0.60 -16.24 25.55
C PHE A 22 0.84 -15.01 24.68
N MET A 23 -0.05 -14.74 23.73
CA MET A 23 0.12 -13.59 22.85
C MET A 23 -0.65 -12.35 23.23
N LYS A 24 -1.00 -12.23 24.51
CA LYS A 24 -1.69 -11.06 25.01
C LYS A 24 -0.62 -9.97 25.15
N ALA A 25 -0.91 -8.77 24.69
CA ALA A 25 0.05 -7.67 24.79
C ALA A 25 -0.18 -6.78 26.00
N LYS A 26 0.91 -6.43 26.69
CA LYS A 26 0.81 -5.56 27.87
C LYS A 26 0.39 -4.16 27.46
N ASP A 27 -0.30 -3.47 28.36
CA ASP A 27 -0.75 -2.10 28.09
C ASP A 27 0.44 -1.19 27.87
N LEU A 28 1.50 -1.41 28.65
CA LEU A 28 2.70 -0.60 28.54
C LEU A 28 3.97 -1.45 28.62
N PRO A 29 4.64 -1.65 27.49
CA PRO A 29 5.87 -2.45 27.44
C PRO A 29 6.93 -1.80 28.32
N GLY A 30 7.74 -2.63 28.98
CA GLY A 30 8.77 -2.10 29.84
C GLY A 30 10.16 -2.67 29.59
N GLY A 31 11.11 -1.78 29.30
CA GLY A 31 12.49 -2.18 29.05
C GLY A 31 12.68 -3.47 28.28
N GLY A 33 12.55 -4.93 25.98
CA GLY A 33 12.16 -4.27 24.75
C GLY A 33 10.80 -4.75 24.25
N LYS A 34 10.34 -4.17 23.14
CA LYS A 34 9.04 -4.55 22.59
C LYS A 34 9.11 -4.77 21.08
N GLN A 35 8.11 -5.44 20.55
CA GLN A 35 8.03 -5.68 19.12
C GLN A 35 6.58 -5.56 18.69
N TYR A 36 6.33 -4.69 17.72
CA TYR A 36 4.99 -4.46 17.22
C TYR A 36 4.97 -5.07 15.81
N VAL A 37 4.34 -6.24 15.70
CA VAL A 37 4.24 -6.95 14.43
C VAL A 37 2.84 -6.75 13.88
N LEU A 38 2.74 -6.02 12.78
CA LEU A 38 1.44 -5.72 12.20
C LEU A 38 1.25 -6.23 10.79
N VAL A 39 0.08 -6.82 10.57
CA VAL A 39 -0.28 -7.31 9.25
C VAL A 39 -1.48 -6.49 8.80
N MET A 40 -1.52 -6.15 7.52
CA MET A 40 -2.64 -5.36 6.98
C MET A 40 -3.96 -6.06 7.25
N PHE A 41 -4.88 -5.39 7.97
CA PHE A 41 -6.16 -6.01 8.25
C PHE A 41 -6.99 -6.17 6.98
N PRO A 42 -7.74 -7.27 6.88
CA PRO A 42 -8.56 -7.52 5.69
C PRO A 42 -9.98 -6.96 5.69
N TYR A 43 -10.56 -6.95 4.50
CA TYR A 43 -11.94 -6.52 4.31
C TYR A 43 -12.72 -7.77 4.71
N PRO A 44 -13.73 -7.63 5.58
CA PRO A 44 -14.51 -8.80 5.99
C PRO A 44 -15.37 -9.25 4.82
N SER A 45 -14.82 -10.09 3.95
CA SER A 45 -15.57 -10.56 2.78
C SER A 45 -15.78 -12.08 2.74
N GLY A 46 -15.62 -12.73 3.89
CA GLY A 46 -15.84 -14.17 3.92
C GLY A 46 -14.64 -14.99 4.34
N ASP A 47 -14.60 -16.25 3.87
CA ASP A 47 -13.49 -17.15 4.18
C ASP A 47 -12.27 -16.72 3.38
N LEU A 48 -11.10 -16.84 4.00
CA LEU A 48 -9.85 -16.47 3.40
C LEU A 48 -9.21 -17.65 2.68
N HIS A 49 -8.30 -17.36 1.75
CA HIS A 49 -7.59 -18.42 1.04
C HIS A 49 -6.12 -18.30 1.39
N MET A 50 -5.31 -19.24 0.90
CA MET A 50 -3.89 -19.26 1.19
C MET A 50 -3.16 -17.99 0.80
N GLY A 51 -3.74 -17.21 -0.10
CA GLY A 51 -3.13 -15.95 -0.50
C GLY A 51 -3.14 -15.01 0.68
N HIS A 52 -4.29 -14.88 1.33
CA HIS A 52 -4.39 -14.01 2.50
C HIS A 52 -3.53 -14.59 3.61
N LEU A 53 -3.68 -15.90 3.83
CA LEU A 53 -2.94 -16.57 4.90
C LEU A 53 -1.44 -16.46 4.81
N LYS A 54 -0.90 -16.22 3.62
CA LYS A 54 0.54 -16.09 3.53
C LYS A 54 0.98 -14.91 4.40
N ASN A 55 0.26 -13.80 4.33
CA ASN A 55 0.62 -12.62 5.11
C ASN A 55 0.44 -12.85 6.60
N TYR A 56 -0.69 -13.45 6.96
CA TYR A 56 -0.99 -13.70 8.36
C TYR A 56 -0.08 -14.76 8.97
N THR A 57 0.37 -15.71 8.16
CA THR A 57 1.28 -16.73 8.66
C THR A 57 2.62 -16.05 8.90
N MET A 58 3.03 -15.18 7.97
CA MET A 58 4.29 -14.46 8.12
C MET A 58 4.30 -13.71 9.44
N GLY A 59 3.19 -13.03 9.74
CA GLY A 59 3.09 -12.28 10.97
C GLY A 59 3.17 -13.17 12.19
N ASP A 60 2.50 -14.32 12.14
CA ASP A 60 2.51 -15.25 13.27
C ASP A 60 3.92 -15.78 13.53
N VAL A 61 4.66 -16.10 12.46
CA VAL A 61 6.02 -16.60 12.61
C VAL A 61 6.90 -15.57 13.35
N LEU A 62 6.86 -14.33 12.87
CA LEU A 62 7.65 -13.26 13.48
C LEU A 62 7.24 -13.06 14.94
N ALA A 63 5.93 -12.98 15.17
CA ALA A 63 5.41 -12.78 16.52
C ALA A 63 5.86 -13.86 17.50
N ARG A 64 5.66 -15.13 17.14
CA ARG A 64 6.07 -16.23 18.01
C ARG A 64 7.58 -16.17 18.29
N PHE A 65 8.36 -15.94 17.25
CA PHE A 65 9.81 -15.84 17.39
C PHE A 65 10.21 -14.73 18.36
N ARG A 66 9.67 -13.53 18.16
CA ARG A 66 9.98 -12.42 19.04
C ARG A 66 9.51 -12.70 20.46
N ARG A 67 8.37 -13.38 20.58
CA ARG A 67 7.84 -13.70 21.89
C ARG A 67 8.82 -14.62 22.62
N MET A 68 9.31 -15.64 21.92
CA MET A 68 10.24 -16.59 22.51
C MET A 68 11.54 -15.93 22.96
N GLN A 69 11.95 -14.89 22.24
CA GLN A 69 13.18 -14.17 22.58
C GLN A 69 13.06 -13.35 23.86
N GLY A 70 11.83 -13.14 24.34
CA GLY A 70 11.65 -12.36 25.55
C GLY A 70 11.05 -10.97 25.35
N TYR A 71 10.77 -10.61 24.10
CA TYR A 71 10.18 -9.31 23.79
C TYR A 71 8.70 -9.26 24.16
N GLU A 72 8.17 -8.07 24.41
CA GLU A 72 6.74 -7.90 24.68
C GLU A 72 6.23 -7.72 23.26
N VAL A 73 5.32 -8.58 22.83
CA VAL A 73 4.84 -8.49 21.45
C VAL A 73 3.39 -8.08 21.24
N LEU A 74 3.20 -7.16 20.30
CA LEU A 74 1.86 -6.69 19.91
C LEU A 74 1.64 -7.17 18.48
N HIS A 75 0.69 -8.08 18.31
CA HIS A 75 0.35 -8.69 17.02
C HIS A 75 -1.18 -8.70 17.05
N PRO A 76 -1.80 -7.61 16.54
CA PRO A 76 -3.26 -7.50 16.53
C PRO A 76 -3.95 -7.74 15.18
N MET A 77 -5.23 -8.09 15.26
CA MET A 77 -6.03 -8.33 14.07
C MET A 77 -7.32 -7.54 14.20
N GLY A 78 -7.87 -7.10 13.06
CA GLY A 78 -9.07 -6.32 13.07
C GLY A 78 -9.72 -6.39 11.71
N TRP A 79 -10.76 -5.59 11.49
CA TRP A 79 -11.48 -5.64 10.23
C TRP A 79 -11.76 -4.30 9.56
N ASP A 80 -11.40 -4.21 8.28
CA ASP A 80 -11.63 -3.03 7.47
C ASP A 80 -13.07 -3.25 7.00
N ALA A 81 -14.02 -3.07 7.93
CA ALA A 81 -15.44 -3.33 7.66
C ALA A 81 -16.27 -2.40 6.78
N PHE A 82 -15.96 -1.11 6.73
CA PHE A 82 -16.73 -0.21 5.87
C PHE A 82 -16.33 -0.42 4.42
N GLY A 83 -17.05 0.22 3.51
CA GLY A 83 -16.72 0.08 2.09
C GLY A 83 -17.85 -0.43 1.22
N LEU A 84 -17.58 -0.49 -0.08
CA LEU A 84 -18.55 -0.96 -1.08
C LEU A 84 -18.94 -2.43 -1.00
N PRO A 85 -17.95 -3.32 -0.75
CA PRO A 85 -18.23 -4.76 -0.67
C PRO A 85 -19.51 -5.11 0.08
N ALA A 86 -19.65 -4.58 1.30
CA ALA A 86 -20.84 -4.84 2.11
C ALA A 86 -22.10 -4.28 1.46
N GLU A 87 -21.96 -3.18 0.72
CA GLU A 87 -23.09 -2.56 0.06
C GLU A 87 -23.56 -3.36 -1.15
N ASN A 88 -22.62 -3.86 -1.94
CA ASN A 88 -22.97 -4.65 -3.12
C ASN A 88 -23.65 -5.94 -2.68
N ALA A 89 -23.20 -6.47 -1.54
CA ALA A 89 -23.76 -7.70 -1.00
C ALA A 89 -25.22 -7.48 -0.63
N ALA A 90 -25.49 -6.36 0.02
CA ALA A 90 -26.85 -6.02 0.43
C ALA A 90 -27.77 -5.97 -0.78
N LEU A 91 -27.33 -5.33 -1.85
CA LEU A 91 -28.12 -5.22 -3.06
C LEU A 91 -28.24 -6.57 -3.78
N LYS A 92 -27.38 -7.51 -3.43
CA LYS A 92 -27.40 -8.83 -4.06
C LYS A 92 -28.24 -9.82 -3.26
N PHE A 93 -27.89 -10.03 -2.00
CA PHE A 93 -28.61 -10.97 -1.15
C PHE A 93 -29.76 -10.33 -0.39
N GLY A 94 -29.90 -9.02 -0.50
CA GLY A 94 -30.96 -8.34 0.19
C GLY A 94 -30.85 -8.49 1.69
N VAL A 95 -29.62 -8.37 2.19
CA VAL A 95 -29.34 -8.50 3.61
C VAL A 95 -28.66 -7.23 4.12
N HIS A 96 -28.88 -6.90 5.39
CA HIS A 96 -28.28 -5.72 5.97
C HIS A 96 -26.76 -5.87 5.91
N PRO A 97 -26.05 -4.80 5.50
CA PRO A 97 -24.59 -4.86 5.40
C PRO A 97 -23.93 -5.23 6.72
N LYS A 98 -24.54 -4.82 7.82
CA LYS A 98 -24.03 -5.11 9.15
C LYS A 98 -24.00 -6.61 9.42
N ASP A 99 -25.07 -7.30 9.03
CA ASP A 99 -25.17 -8.73 9.26
C ASP A 99 -24.22 -9.51 8.38
N TRP A 100 -24.12 -9.11 7.12
CA TRP A 100 -23.23 -9.76 6.18
C TRP A 100 -21.78 -9.64 6.66
N THR A 101 -21.45 -8.47 7.21
CA THR A 101 -20.11 -8.21 7.72
C THR A 101 -19.76 -9.05 8.93
N TYR A 102 -20.64 -9.08 9.92
CA TYR A 102 -20.38 -9.85 11.13
C TYR A 102 -20.32 -11.36 10.88
N ALA A 103 -21.00 -11.83 9.85
CA ALA A 103 -20.99 -13.25 9.52
C ALA A 103 -19.63 -13.56 8.90
N ASN A 104 -19.19 -12.71 7.98
CA ASN A 104 -17.89 -12.89 7.32
C ASN A 104 -16.76 -12.81 8.34
N ILE A 105 -16.93 -11.98 9.35
CA ILE A 105 -15.92 -11.82 10.39
C ILE A 105 -15.76 -13.12 11.17
N ARG A 106 -16.88 -13.77 11.46
CA ARG A 106 -16.86 -15.03 12.20
C ARG A 106 -16.11 -16.10 11.40
N GLN A 107 -16.35 -16.17 10.11
CA GLN A 107 -15.69 -17.14 9.24
C GLN A 107 -14.18 -16.88 9.13
N ALA A 108 -13.82 -15.64 8.82
CA ALA A 108 -12.41 -15.28 8.68
C ALA A 108 -11.65 -15.56 9.97
N LYS A 109 -12.30 -15.27 11.09
CA LYS A 109 -11.71 -15.48 12.40
C LYS A 109 -11.39 -16.96 12.61
N GLU A 110 -12.32 -17.83 12.23
CA GLU A 110 -12.13 -19.27 12.37
C GLU A 110 -10.98 -19.74 11.48
N SER A 111 -10.92 -19.19 10.26
CA SER A 111 -9.85 -19.56 9.33
C SER A 111 -8.50 -19.22 9.92
N LEU A 112 -8.41 -18.04 10.53
CA LEU A 112 -7.16 -17.61 11.13
C LEU A 112 -6.79 -18.52 12.29
N ARG A 113 -7.77 -18.80 13.15
CA ARG A 113 -7.56 -19.65 14.31
C ARG A 113 -7.11 -21.07 13.93
N LEU A 114 -7.71 -21.61 12.88
CA LEU A 114 -7.39 -22.95 12.40
C LEU A 114 -5.98 -23.09 11.81
N MET A 115 -5.37 -21.98 11.43
CA MET A 115 -4.02 -22.00 10.88
C MET A 115 -3.02 -21.85 12.01
N GLY A 116 -3.53 -21.80 13.23
CA GLY A 116 -2.66 -21.66 14.38
C GLY A 116 -2.15 -20.24 14.57
N ILE A 117 -2.78 -19.27 13.91
CA ILE A 117 -2.35 -17.88 14.05
C ILE A 117 -2.82 -17.38 15.43
N LEU A 118 -1.94 -16.70 16.17
CA LEU A 118 -2.30 -16.17 17.49
C LEU A 118 -2.19 -14.65 17.58
N TYR A 119 -3.32 -14.01 17.88
CA TYR A 119 -3.39 -12.55 18.03
C TYR A 119 -3.85 -12.19 19.44
N ASP A 120 -3.78 -10.90 19.76
CA ASP A 120 -4.28 -10.44 21.06
C ASP A 120 -5.68 -9.98 20.67
N TRP A 121 -6.64 -10.88 20.72
CA TRP A 121 -8.00 -10.53 20.33
C TRP A 121 -8.70 -9.49 21.18
N ASP A 122 -8.15 -9.17 22.35
CA ASP A 122 -8.75 -8.15 23.20
C ASP A 122 -8.64 -6.79 22.50
N ARG A 123 -7.66 -6.67 21.60
CA ARG A 123 -7.44 -5.43 20.87
C ARG A 123 -8.13 -5.39 19.52
N GLU A 124 -9.08 -6.29 19.30
CA GLU A 124 -9.80 -6.35 18.04
C GLU A 124 -10.53 -5.03 17.75
N VAL A 125 -10.55 -4.63 16.48
CA VAL A 125 -11.26 -3.42 16.08
C VAL A 125 -12.12 -3.76 14.88
N THR A 126 -13.30 -3.15 14.82
CA THR A 126 -14.22 -3.36 13.73
C THR A 126 -14.58 -1.94 13.33
N THR A 127 -14.05 -1.49 12.19
CA THR A 127 -14.25 -0.11 11.73
C THR A 127 -15.68 0.38 11.51
N CYS A 128 -16.57 -0.53 11.17
CA CYS A 128 -17.96 -0.14 10.92
C CYS A 128 -18.73 0.10 12.22
N GLU A 129 -18.06 -0.08 13.36
CA GLU A 129 -18.67 0.15 14.65
C GLU A 129 -18.50 1.60 15.12
N PRO A 130 -19.56 2.21 15.67
CA PRO A 130 -19.57 3.59 16.17
C PRO A 130 -18.42 3.81 17.15
N GLU A 131 -18.12 2.77 17.92
CA GLU A 131 -17.04 2.84 18.89
C GLU A 131 -15.72 3.16 18.21
N TYR A 132 -15.66 2.95 16.90
CA TYR A 132 -14.44 3.25 16.16
C TYR A 132 -14.57 4.47 15.27
N TYR A 133 -15.62 4.54 14.45
CA TYR A 133 -15.72 5.66 13.55
C TYR A 133 -16.04 7.00 14.22
N ARG A 134 -16.26 6.97 15.53
CA ARG A 134 -16.53 8.21 16.25
C ARG A 134 -15.20 8.94 16.30
N TRP A 135 -14.13 8.15 16.28
CA TRP A 135 -12.79 8.69 16.34
C TRP A 135 -12.31 9.16 14.98
N ASN A 136 -12.98 8.71 13.92
CA ASN A 136 -12.63 9.15 12.58
C ASN A 136 -13.16 10.58 12.50
N GLN A 137 -14.35 10.79 13.02
CA GLN A 137 -15.01 12.09 13.03
C GLN A 137 -14.22 13.03 13.93
N TRP A 138 -13.76 12.53 15.06
CA TRP A 138 -12.96 13.33 15.99
C TRP A 138 -11.73 13.87 15.27
N ILE A 139 -10.97 12.97 14.65
CA ILE A 139 -9.77 13.35 13.91
C ILE A 139 -10.11 14.32 12.80
N PHE A 140 -11.24 14.10 12.14
CA PHE A 140 -11.68 14.97 11.06
C PHE A 140 -11.90 16.41 11.56
N LEU A 141 -12.40 16.55 12.78
CA LEU A 141 -12.66 17.87 13.34
C LEU A 141 -11.33 18.55 13.64
N LYS A 142 -10.39 17.80 14.20
CA LYS A 142 -9.08 18.35 14.54
C LYS A 142 -8.38 18.85 13.29
N MET A 143 -8.63 18.20 12.15
CA MET A 143 -8.01 18.63 10.90
C MET A 143 -8.68 19.91 10.43
N TRP A 144 -9.98 19.98 10.61
CA TRP A 144 -10.76 21.15 10.24
C TRP A 144 -10.25 22.34 11.05
N GLU A 145 -10.07 22.10 12.36
CA GLU A 145 -9.58 23.10 13.29
C GLU A 145 -8.15 23.57 12.97
N LYS A 146 -7.42 22.77 12.22
CA LYS A 146 -6.05 23.12 11.89
C LYS A 146 -5.88 23.52 10.43
N GLY A 147 -7.00 23.75 9.75
CA GLY A 147 -6.96 24.14 8.34
C GLY A 147 -6.53 23.06 7.38
N LEU A 148 -6.66 21.80 7.80
CA LEU A 148 -6.26 20.68 6.94
C LEU A 148 -7.44 20.00 6.27
N ALA A 149 -8.65 20.42 6.61
CA ALA A 149 -9.86 19.84 6.02
C ALA A 149 -10.74 20.98 5.51
N TYR A 150 -11.10 20.92 4.23
CA TYR A 150 -11.94 21.96 3.63
C TYR A 150 -12.90 21.42 2.60
N ARG A 151 -13.87 22.26 2.21
CA ARG A 151 -14.86 21.89 1.22
C ARG A 151 -14.54 22.64 -0.07
N ALA A 152 -14.66 21.98 -1.21
CA ALA A 152 -14.37 22.61 -2.50
C ALA A 152 -15.24 22.07 -3.63
N LYS A 153 -15.62 22.97 -4.53
CA LYS A 153 -16.47 22.62 -5.66
C LYS A 153 -15.68 21.93 -6.78
N GLU A 190 -18.44 19.97 -5.26
CA GLU A 190 -18.59 20.53 -3.89
C GLU A 190 -18.48 19.41 -2.86
N GLN A 191 -17.28 18.85 -2.74
CA GLN A 191 -17.02 17.75 -1.81
C GLN A 191 -15.92 18.11 -0.82
N TRP A 192 -15.68 17.22 0.14
CA TRP A 192 -14.65 17.47 1.15
C TRP A 192 -13.27 16.94 0.75
N TYR A 193 -12.24 17.68 1.14
CA TYR A 193 -10.86 17.30 0.84
C TYR A 193 -9.97 17.47 2.05
N LEU A 194 -8.85 16.75 2.07
CA LEU A 194 -7.89 16.86 3.16
C LEU A 194 -6.63 17.43 2.54
N ARG A 195 -6.17 18.57 3.06
CA ARG A 195 -4.99 19.25 2.54
C ARG A 195 -3.71 18.44 2.81
N ILE A 196 -3.58 17.28 2.18
CA ILE A 196 -2.41 16.44 2.38
C ILE A 196 -1.18 17.10 1.76
N THR A 197 -1.40 17.92 0.73
CA THR A 197 -0.33 18.63 0.07
C THR A 197 0.45 19.53 1.03
N ALA A 198 -0.16 19.87 2.15
CA ALA A 198 0.50 20.72 3.14
C ALA A 198 1.62 19.96 3.82
N TYR A 199 1.65 18.64 3.62
CA TYR A 199 2.69 17.80 4.20
C TYR A 199 3.58 17.18 3.10
N ALA A 200 3.36 17.60 1.86
CA ALA A 200 4.10 17.08 0.71
C ALA A 200 5.62 17.06 0.90
N GLU A 201 6.17 18.17 1.39
CA GLU A 201 7.61 18.29 1.61
C GLU A 201 8.14 17.30 2.65
N ARG A 202 7.45 17.19 3.79
CA ARG A 202 7.86 16.27 4.85
C ARG A 202 7.67 14.81 4.42
N LEU A 203 6.59 14.54 3.68
CA LEU A 203 6.30 13.19 3.22
C LEU A 203 7.41 12.73 2.28
N LEU A 204 8.08 13.69 1.67
CA LEU A 204 9.15 13.39 0.72
C LEU A 204 10.50 13.33 1.44
N LYS A 205 10.77 14.34 2.26
CA LYS A 205 12.02 14.44 3.01
C LYS A 205 12.22 13.29 4.00
N ASP A 206 11.18 12.99 4.79
CA ASP A 206 11.28 11.94 5.79
C ASP A 206 11.51 10.52 5.24
N LEU A 207 11.46 10.37 3.92
CA LEU A 207 11.71 9.07 3.31
C LEU A 207 13.18 8.68 3.45
N GLU A 208 14.06 9.67 3.39
CA GLU A 208 15.49 9.44 3.47
C GLU A 208 15.90 8.58 4.66
N GLY A 209 15.43 8.93 5.86
CA GLY A 209 15.77 8.16 7.03
C GLY A 209 14.89 6.93 7.20
N LEU A 210 14.13 6.61 6.16
CA LEU A 210 13.23 5.46 6.21
C LEU A 210 13.92 4.20 5.68
N ASN A 211 13.90 3.14 6.49
CA ASN A 211 14.54 1.89 6.11
C ASN A 211 13.55 0.94 5.45
N TRP A 212 13.14 1.27 4.23
CA TRP A 212 12.19 0.49 3.44
C TRP A 212 12.84 -0.01 2.15
N PRO A 213 12.14 -0.89 1.42
CA PRO A 213 12.69 -1.38 0.15
C PRO A 213 12.75 -0.16 -0.76
N GLU A 214 13.81 -0.02 -1.54
CA GLU A 214 13.95 1.13 -2.42
C GLU A 214 12.78 1.28 -3.39
N LYS A 215 12.29 0.17 -3.91
CA LYS A 215 11.18 0.19 -4.85
C LYS A 215 9.92 0.86 -4.28
N VAL A 216 9.72 0.74 -2.97
CA VAL A 216 8.55 1.33 -2.34
C VAL A 216 8.78 2.82 -2.14
N LYS A 217 9.96 3.18 -1.65
CA LYS A 217 10.32 4.59 -1.46
C LYS A 217 10.24 5.33 -2.79
N ALA A 218 10.67 4.67 -3.86
CA ALA A 218 10.65 5.30 -5.19
C ALA A 218 9.22 5.56 -5.65
N MET A 219 8.30 4.65 -5.34
CA MET A 219 6.91 4.84 -5.73
C MET A 219 6.30 5.99 -4.93
N GLN A 220 6.79 6.21 -3.72
CA GLN A 220 6.31 7.31 -2.88
C GLN A 220 6.81 8.62 -3.49
N ARG A 221 8.09 8.64 -3.86
CA ARG A 221 8.70 9.82 -4.47
C ARG A 221 7.99 10.19 -5.76
N ALA A 222 7.78 9.20 -6.62
CA ALA A 222 7.13 9.43 -7.91
C ALA A 222 5.68 9.90 -7.76
N TRP A 223 4.99 9.41 -6.74
CA TRP A 223 3.61 9.81 -6.55
C TRP A 223 3.51 11.26 -6.08
N ILE A 224 4.41 11.65 -5.18
CA ILE A 224 4.43 13.01 -4.67
C ILE A 224 4.82 13.95 -5.83
N GLY A 225 5.84 13.52 -6.59
CA GLY A 225 6.30 14.28 -7.74
C GLY A 225 6.77 15.71 -7.53
N ARG A 226 7.88 15.87 -6.83
CA ARG A 226 8.44 17.20 -6.59
C ARG A 226 9.06 17.64 -7.91
N SER A 227 8.72 18.85 -8.35
CA SER A 227 9.26 19.39 -9.59
C SER A 227 9.80 20.81 -9.46
N GLU A 228 10.88 21.09 -10.18
CA GLU A 228 11.50 22.40 -10.19
C GLU A 228 10.74 23.29 -11.18
N GLY A 229 10.18 24.38 -10.67
CA GLY A 229 9.44 25.28 -11.53
C GLY A 229 9.90 26.71 -11.34
N ALA A 230 9.10 27.65 -11.80
CA ALA A 230 9.45 29.07 -11.67
C ALA A 230 8.25 29.98 -11.86
N GLU A 231 8.26 31.09 -11.13
CA GLU A 231 7.20 32.08 -11.27
C GLU A 231 7.85 33.24 -12.03
N ILE A 232 7.28 33.54 -13.20
CA ILE A 232 7.81 34.61 -14.04
C ILE A 232 6.85 35.78 -14.11
N LEU A 233 7.40 37.00 -14.00
CA LEU A 233 6.60 38.22 -14.03
C LEU A 233 6.57 38.88 -15.39
N PHE A 234 5.37 39.08 -15.93
CA PHE A 234 5.23 39.73 -17.23
C PHE A 234 4.69 41.14 -17.06
N PRO A 235 5.50 42.16 -17.37
CA PRO A 235 5.08 43.55 -17.26
C PRO A 235 3.99 43.84 -18.30
N VAL A 236 2.97 44.61 -17.92
CA VAL A 236 1.91 44.94 -18.86
C VAL A 236 2.14 46.33 -19.40
N GLU A 237 2.19 46.42 -20.73
CA GLU A 237 2.42 47.69 -21.42
C GLU A 237 1.43 48.76 -20.97
N GLY A 238 1.97 49.88 -20.48
CA GLY A 238 1.15 50.98 -20.03
C GLY A 238 0.41 50.80 -18.72
N LYS A 239 0.68 49.72 -18.01
CA LYS A 239 -0.02 49.47 -16.75
C LYS A 239 0.94 49.18 -15.63
N GLU A 240 0.49 49.41 -14.40
CA GLU A 240 1.31 49.19 -13.22
C GLU A 240 1.48 47.71 -12.88
N VAL A 241 0.38 46.98 -13.01
CA VAL A 241 0.35 45.56 -12.69
C VAL A 241 1.24 44.68 -13.56
N ARG A 242 1.89 43.70 -12.92
CA ARG A 242 2.75 42.76 -13.62
C ARG A 242 2.10 41.40 -13.41
N ILE A 243 1.84 40.70 -14.50
CA ILE A 243 1.18 39.39 -14.43
C ILE A 243 2.10 38.22 -14.04
N PRO A 244 1.82 37.59 -12.89
CA PRO A 244 2.65 36.45 -12.45
C PRO A 244 2.24 35.20 -13.22
N VAL A 245 3.20 34.39 -13.61
CA VAL A 245 2.93 33.15 -14.33
C VAL A 245 3.80 32.04 -13.82
N PHE A 246 3.22 30.87 -13.59
CA PHE A 246 4.01 29.73 -13.12
C PHE A 246 4.22 28.77 -14.27
N THR A 247 5.40 28.16 -14.34
CA THR A 247 5.70 27.22 -15.40
C THR A 247 6.83 26.29 -15.01
N THR A 248 6.78 25.06 -15.51
CA THR A 248 7.84 24.10 -15.24
C THR A 248 8.80 24.06 -16.44
N ARG A 249 8.51 24.91 -17.43
CA ARG A 249 9.34 25.00 -18.64
C ARG A 249 9.93 26.41 -18.81
N PRO A 250 10.61 26.93 -17.79
CA PRO A 250 11.19 28.27 -17.92
C PRO A 250 12.25 28.27 -19.03
N ASP A 251 12.75 27.08 -19.35
CA ASP A 251 13.74 26.90 -20.40
C ASP A 251 13.17 27.30 -21.77
N THR A 252 11.85 27.48 -21.84
CA THR A 252 11.21 27.87 -23.11
C THR A 252 10.71 29.32 -23.09
N LEU A 253 11.12 30.10 -22.08
CA LEU A 253 10.69 31.49 -21.95
C LEU A 253 10.84 32.34 -23.20
N PHE A 254 11.97 32.25 -23.88
CA PHE A 254 12.17 33.04 -25.09
C PHE A 254 11.14 32.69 -26.17
N GLY A 255 10.46 31.56 -26.00
CA GLY A 255 9.46 31.15 -26.97
C GLY A 255 8.04 31.54 -26.62
N ALA A 256 7.86 32.29 -25.53
CA ALA A 256 6.52 32.70 -25.11
C ALA A 256 6.04 33.82 -26.03
N THR A 257 5.06 33.51 -26.88
CA THR A 257 4.52 34.48 -27.83
C THR A 257 3.23 35.15 -27.39
N PHE A 258 2.70 34.74 -26.26
CA PHE A 258 1.49 35.36 -25.71
C PHE A 258 1.11 34.80 -24.35
N LEU A 259 0.22 35.50 -23.68
CA LEU A 259 -0.24 35.08 -22.35
C LEU A 259 -1.71 34.71 -22.42
N VAL A 260 -2.15 33.86 -21.49
CA VAL A 260 -3.55 33.44 -21.45
C VAL A 260 -4.04 33.43 -20.01
N LEU A 261 -5.01 34.27 -19.73
CA LEU A 261 -5.59 34.36 -18.40
C LEU A 261 -6.90 33.59 -18.35
N ALA A 262 -7.17 32.98 -17.21
CA ALA A 262 -8.42 32.26 -17.03
C ALA A 262 -9.51 33.33 -17.00
N PRO A 263 -10.71 33.02 -17.52
CA PRO A 263 -11.81 33.99 -17.53
C PRO A 263 -12.10 34.57 -16.14
N GLU A 264 -11.94 33.75 -15.11
CA GLU A 264 -12.19 34.19 -13.74
C GLU A 264 -11.04 35.01 -13.16
N HIS A 265 -10.01 35.29 -13.96
CA HIS A 265 -8.87 36.05 -13.47
C HIS A 265 -9.24 37.52 -13.29
N PRO A 266 -8.99 38.07 -12.09
CA PRO A 266 -9.29 39.46 -11.75
C PRO A 266 -8.75 40.48 -12.74
N LEU A 267 -7.81 40.08 -13.59
CA LEU A 267 -7.23 41.01 -14.56
C LEU A 267 -7.83 40.91 -15.95
N THR A 268 -8.64 39.88 -16.19
CA THR A 268 -9.26 39.68 -17.50
C THR A 268 -10.15 40.85 -17.92
N LEU A 269 -11.05 41.27 -17.03
CA LEU A 269 -11.95 42.37 -17.34
C LEU A 269 -11.29 43.74 -17.14
N GLU A 270 -10.41 43.81 -16.14
CA GLU A 270 -9.71 45.03 -15.80
C GLU A 270 -8.79 45.49 -16.93
N LEU A 271 -8.11 44.54 -17.57
CA LEU A 271 -7.20 44.85 -18.66
C LEU A 271 -7.92 44.92 -19.99
N ALA A 272 -9.16 44.44 -20.02
CA ALA A 272 -9.96 44.43 -21.25
C ALA A 272 -10.16 45.83 -21.80
N ALA A 273 -9.63 46.06 -23.00
CA ALA A 273 -9.76 47.35 -23.65
C ALA A 273 -11.24 47.74 -23.78
N PRO A 274 -11.53 49.03 -24.01
CA PRO A 274 -12.90 49.53 -24.15
C PRO A 274 -13.74 48.80 -25.21
N GLU A 275 -13.17 48.66 -26.40
CA GLU A 275 -13.86 47.99 -27.50
C GLU A 275 -13.80 46.47 -27.41
N LYS A 276 -13.55 45.95 -26.21
CA LYS A 276 -13.46 44.50 -26.02
C LYS A 276 -14.19 44.05 -24.76
N ARG A 277 -14.50 45.00 -23.88
CA ARG A 277 -15.17 44.64 -22.63
C ARG A 277 -16.48 43.88 -22.79
N GLU A 278 -17.26 44.24 -23.80
CA GLU A 278 -18.53 43.56 -24.04
C GLU A 278 -18.28 42.08 -24.36
N GLU A 279 -17.50 41.84 -25.40
CA GLU A 279 -17.17 40.47 -25.81
C GLU A 279 -16.54 39.67 -24.68
N VAL A 280 -15.61 40.29 -23.96
CA VAL A 280 -14.93 39.63 -22.85
C VAL A 280 -15.88 39.32 -21.71
N LEU A 281 -16.73 40.28 -21.36
CA LEU A 281 -17.69 40.09 -20.29
C LEU A 281 -18.56 38.87 -20.55
N ALA A 282 -19.08 38.78 -21.77
CA ALA A 282 -19.94 37.66 -22.16
C ALA A 282 -19.18 36.36 -22.00
N TYR A 283 -17.99 36.28 -22.60
CA TYR A 283 -17.15 35.09 -22.54
C TYR A 283 -16.92 34.65 -21.10
N VAL A 284 -16.63 35.60 -20.21
CA VAL A 284 -16.38 35.27 -18.81
C VAL A 284 -17.61 34.63 -18.17
N GLU A 285 -18.78 35.19 -18.46
CA GLU A 285 -20.03 34.66 -17.91
C GLU A 285 -20.32 33.27 -18.46
N ALA A 286 -20.14 33.10 -19.77
CA ALA A 286 -20.37 31.82 -20.41
C ALA A 286 -19.42 30.76 -19.86
N ALA A 287 -18.25 31.20 -19.43
CA ALA A 287 -17.24 30.30 -18.88
C ALA A 287 -17.66 29.74 -17.53
N LYS A 288 -18.34 30.57 -16.72
CA LYS A 288 -18.78 30.13 -15.41
C LYS A 288 -19.91 29.10 -15.52
N ARG A 289 -20.78 29.28 -16.50
CA ARG A 289 -21.89 28.38 -16.72
C ARG A 289 -21.40 26.97 -17.05
N LYS A 290 -20.11 26.84 -17.33
CA LYS A 290 -19.51 25.56 -17.66
C LYS A 290 -18.83 24.95 -16.44
N THR A 291 -18.21 23.80 -16.61
CA THR A 291 -17.52 23.12 -15.52
C THR A 291 -16.06 22.91 -15.91
N GLU A 292 -15.18 22.89 -14.93
CA GLU A 292 -13.75 22.70 -15.18
C GLU A 292 -13.44 21.44 -15.98
N ILE A 293 -14.34 20.46 -15.92
CA ILE A 293 -14.15 19.21 -16.63
C ILE A 293 -14.38 19.39 -18.14
N GLU A 294 -15.47 20.06 -18.51
CA GLU A 294 -15.78 20.27 -19.92
C GLU A 294 -14.93 21.38 -20.54
N ARG A 295 -14.30 22.20 -19.70
CA ARG A 295 -13.44 23.28 -20.18
C ARG A 295 -12.08 22.71 -20.53
N GLN A 296 -11.62 21.77 -19.71
CA GLN A 296 -10.33 21.15 -19.92
C GLN A 296 -10.50 19.83 -20.68
N ALA A 297 -11.70 19.64 -21.24
CA ALA A 297 -12.02 18.43 -21.99
C ALA A 297 -11.33 18.41 -23.36
N GLU A 298 -10.63 17.32 -23.65
CA GLU A 298 -9.93 17.16 -24.91
C GLU A 298 -10.91 16.95 -26.07
N GLY A 299 -10.72 17.69 -27.14
CA GLY A 299 -11.60 17.55 -28.30
C GLY A 299 -12.39 18.79 -28.62
N ARG A 300 -12.89 19.47 -27.59
CA ARG A 300 -13.68 20.69 -27.78
C ARG A 300 -12.91 21.74 -28.56
N GLU A 301 -13.63 22.57 -29.30
CA GLU A 301 -13.02 23.63 -30.09
C GLU A 301 -12.34 24.65 -29.17
N LYS A 302 -11.26 25.25 -29.65
CA LYS A 302 -10.54 26.24 -28.87
C LYS A 302 -11.16 27.62 -29.01
N THR A 303 -11.65 28.16 -27.91
CA THR A 303 -12.28 29.49 -27.91
C THR A 303 -11.46 30.44 -27.04
N GLY A 304 -11.61 31.73 -27.30
CA GLY A 304 -10.89 32.72 -26.52
C GLY A 304 -11.10 34.12 -27.06
N VAL A 305 -10.68 35.11 -26.29
CA VAL A 305 -10.85 36.50 -26.69
C VAL A 305 -9.59 37.31 -26.42
N PHE A 306 -9.22 38.15 -27.38
CA PHE A 306 -8.06 39.01 -27.23
C PHE A 306 -8.51 40.23 -26.41
N LEU A 307 -7.85 40.44 -25.26
CA LEU A 307 -8.19 41.54 -24.36
C LEU A 307 -7.87 42.93 -24.93
N GLY A 308 -7.03 42.97 -25.95
CA GLY A 308 -6.67 44.26 -26.52
C GLY A 308 -5.51 44.88 -25.74
N ALA A 309 -4.99 44.14 -24.77
CA ALA A 309 -3.88 44.61 -23.94
C ALA A 309 -2.63 43.77 -24.25
N TYR A 310 -1.46 44.36 -24.01
CA TYR A 310 -0.20 43.67 -24.27
C TYR A 310 0.68 43.56 -23.05
N ALA A 311 1.57 42.58 -23.09
CA ALA A 311 2.53 42.34 -22.02
C ALA A 311 3.92 42.31 -22.66
N LEU A 312 4.95 42.37 -21.83
CA LEU A 312 6.31 42.34 -22.33
C LEU A 312 7.01 41.05 -21.88
N ASN A 313 7.55 40.31 -22.84
CA ASN A 313 8.27 39.09 -22.54
C ASN A 313 9.57 39.54 -21.86
N PRO A 314 9.76 39.20 -20.58
CA PRO A 314 10.93 39.56 -19.78
C PRO A 314 12.28 39.16 -20.37
N ALA A 315 12.31 38.05 -21.12
CA ALA A 315 13.55 37.56 -21.71
C ALA A 315 13.98 38.30 -22.99
N THR A 316 13.03 38.51 -23.90
CA THR A 316 13.34 39.17 -25.17
C THR A 316 12.93 40.63 -25.22
N GLY A 317 12.05 41.03 -24.30
CA GLY A 317 11.58 42.39 -24.30
C GLY A 317 10.60 42.62 -25.44
N GLU A 318 10.18 41.54 -26.09
CA GLU A 318 9.24 41.64 -27.20
C GLU A 318 7.81 41.81 -26.67
N ARG A 319 6.99 42.46 -27.48
CA ARG A 319 5.59 42.75 -27.16
C ARG A 319 4.69 41.56 -27.52
N ILE A 320 3.99 41.00 -26.53
CA ILE A 320 3.10 39.86 -26.79
C ILE A 320 1.68 40.15 -26.31
N PRO A 321 0.68 39.75 -27.12
CA PRO A 321 -0.74 39.96 -26.78
C PRO A 321 -1.23 39.15 -25.59
N ILE A 322 -2.19 39.72 -24.86
CA ILE A 322 -2.78 39.06 -23.71
C ILE A 322 -4.17 38.57 -24.07
N TRP A 323 -4.43 37.27 -23.85
CA TRP A 323 -5.72 36.68 -24.16
C TRP A 323 -6.35 36.02 -22.95
N THR A 324 -7.61 35.66 -23.10
CA THR A 324 -8.36 34.94 -22.08
C THR A 324 -8.96 33.73 -22.81
N ALA A 325 -8.91 32.57 -22.18
CA ALA A 325 -9.43 31.35 -22.81
C ALA A 325 -9.95 30.36 -21.78
N ASP A 326 -10.99 29.64 -22.19
CA ASP A 326 -11.63 28.64 -21.34
C ASP A 326 -10.77 27.46 -20.95
N TYR A 327 -9.80 27.09 -21.78
CA TYR A 327 -8.97 25.94 -21.46
C TYR A 327 -8.02 26.19 -20.29
N VAL A 328 -7.94 27.44 -19.85
CA VAL A 328 -7.09 27.80 -18.72
C VAL A 328 -7.98 27.99 -17.49
N LEU A 329 -7.65 27.28 -16.41
CA LEU A 329 -8.43 27.35 -15.18
C LEU A 329 -7.74 28.24 -14.15
N PHE A 330 -8.52 28.85 -13.27
CA PHE A 330 -7.98 29.75 -12.26
C PHE A 330 -7.37 29.00 -11.06
N GLY A 331 -7.90 27.82 -10.77
CA GLY A 331 -7.41 27.06 -9.64
C GLY A 331 -5.97 26.56 -9.69
N TYR A 332 -5.43 26.39 -10.88
CA TYR A 332 -4.06 25.90 -11.01
C TYR A 332 -3.06 27.02 -11.24
N GLY A 333 -1.92 26.93 -10.57
CA GLY A 333 -0.88 27.94 -10.71
C GLY A 333 -1.35 29.32 -10.27
N THR A 334 -1.19 30.30 -11.16
CA THR A 334 -1.59 31.67 -10.87
C THR A 334 -2.86 32.03 -11.61
N GLY A 335 -3.45 31.05 -12.29
CA GLY A 335 -4.67 31.29 -13.04
C GLY A 335 -4.34 31.93 -14.37
N ALA A 336 -3.05 32.00 -14.65
CA ALA A 336 -2.56 32.58 -15.90
C ALA A 336 -1.35 31.79 -16.36
N ILE A 337 -1.16 31.68 -17.67
CA ILE A 337 -0.02 30.96 -18.20
C ILE A 337 0.63 31.70 -19.36
N MET A 338 1.89 31.39 -19.60
CA MET A 338 2.60 31.97 -20.73
C MET A 338 2.44 30.87 -21.77
N ALA A 339 2.12 31.26 -23.00
CA ALA A 339 1.93 30.30 -24.08
C ALA A 339 3.15 30.15 -24.97
N VAL A 340 3.61 28.90 -25.11
CA VAL A 340 4.76 28.58 -25.94
C VAL A 340 4.28 27.55 -26.97
N PRO A 341 3.60 28.02 -28.03
CA PRO A 341 3.06 27.21 -29.13
C PRO A 341 3.98 26.12 -29.66
N ALA A 342 5.26 26.44 -29.82
CA ALA A 342 6.20 25.50 -30.37
C ALA A 342 6.54 24.32 -29.46
N HIS A 343 6.24 24.44 -28.17
CA HIS A 343 6.60 23.38 -27.26
C HIS A 343 5.52 22.91 -26.31
N ASP A 344 4.27 23.20 -26.65
CA ASP A 344 3.11 22.78 -25.87
C ASP A 344 1.99 22.62 -26.89
N GLN A 345 1.52 21.39 -27.05
CA GLN A 345 0.48 21.06 -28.03
C GLN A 345 -0.82 21.84 -27.91
N ARG A 346 -1.26 22.12 -26.68
CA ARG A 346 -2.49 22.89 -26.51
C ARG A 346 -2.28 24.32 -27.01
N ASP A 347 -1.17 24.92 -26.60
CA ASP A 347 -0.86 26.28 -27.04
C ASP A 347 -0.68 26.30 -28.56
N TYR A 348 -0.15 25.22 -29.11
CA TYR A 348 0.07 25.13 -30.56
C TYR A 348 -1.26 25.23 -31.32
N GLU A 349 -2.23 24.43 -30.90
CA GLU A 349 -3.54 24.44 -31.55
C GLU A 349 -4.19 25.81 -31.40
N PHE A 350 -4.08 26.39 -30.20
CA PHE A 350 -4.67 27.70 -29.96
C PHE A 350 -4.04 28.74 -30.87
N ALA A 351 -2.70 28.73 -30.94
CA ALA A 351 -1.99 29.69 -31.78
C ALA A 351 -2.37 29.52 -33.25
N ARG A 352 -2.42 28.27 -33.69
CA ARG A 352 -2.76 27.98 -35.08
C ARG A 352 -4.18 28.48 -35.41
N LYS A 353 -5.12 28.20 -34.52
CA LYS A 353 -6.50 28.61 -34.73
C LYS A 353 -6.69 30.12 -34.77
N PHE A 354 -5.96 30.85 -33.92
CA PHE A 354 -6.11 32.30 -33.89
C PHE A 354 -5.01 33.10 -34.58
N GLY A 355 -4.13 32.41 -35.31
CA GLY A 355 -3.05 33.09 -36.01
C GLY A 355 -2.02 33.80 -35.16
N LEU A 356 -1.64 33.17 -34.05
CA LEU A 356 -0.65 33.75 -33.15
C LEU A 356 0.72 33.19 -33.50
N PRO A 357 1.78 34.00 -33.31
CA PRO A 357 3.16 33.59 -33.61
C PRO A 357 3.64 32.32 -32.89
N ILE A 358 4.48 31.55 -33.57
CA ILE A 358 5.04 30.33 -33.01
C ILE A 358 6.55 30.42 -33.12
N LYS A 359 7.23 30.40 -31.98
CA LYS A 359 8.69 30.54 -31.95
C LYS A 359 9.40 29.33 -31.34
N LYS A 360 10.29 28.72 -32.12
CA LYS A 360 11.05 27.55 -31.67
C LYS A 360 12.22 27.95 -30.80
N VAL A 361 12.34 27.34 -29.62
CA VAL A 361 13.44 27.66 -28.73
C VAL A 361 14.10 26.39 -28.17
N ILE A 362 13.56 25.25 -28.54
CA ILE A 362 14.11 23.97 -28.10
C ILE A 362 14.17 23.04 -29.30
N GLU A 363 15.29 22.36 -29.46
CA GLU A 363 15.45 21.43 -30.56
C GLU A 363 16.01 20.10 -30.08
N ARG A 364 15.79 19.06 -30.86
CA ARG A 364 16.34 17.75 -30.50
C ARG A 364 17.85 17.88 -30.64
N PRO A 365 18.61 17.13 -29.84
CA PRO A 365 20.07 17.20 -29.91
C PRO A 365 20.70 16.79 -31.25
N GLY A 366 20.14 15.76 -31.87
CA GLY A 366 20.70 15.27 -33.11
C GLY A 366 20.13 15.81 -34.42
N GLU A 367 19.18 16.73 -34.35
CA GLU A 367 18.60 17.26 -35.57
C GLU A 367 17.77 18.51 -35.36
N PRO A 368 17.73 19.39 -36.38
CA PRO A 368 16.94 20.63 -36.27
C PRO A 368 15.46 20.29 -36.47
N LEU A 369 14.59 21.13 -35.94
CA LEU A 369 13.15 20.90 -36.06
C LEU A 369 12.68 21.21 -37.48
N PRO A 370 11.61 20.53 -37.92
CA PRO A 370 11.08 20.74 -39.27
C PRO A 370 10.55 22.17 -39.49
N GLU A 371 10.51 22.58 -40.76
CA GLU A 371 10.02 23.91 -41.14
C GLU A 371 9.10 23.85 -42.36
N PRO A 372 7.85 24.31 -42.21
CA PRO A 372 7.31 24.85 -40.95
C PRO A 372 7.07 23.78 -39.90
N LEU A 373 6.57 24.20 -38.74
CA LEU A 373 6.30 23.28 -37.64
C LEU A 373 4.89 22.70 -37.80
N GLU A 374 4.77 21.39 -37.77
CA GLU A 374 3.48 20.72 -37.92
C GLU A 374 2.79 20.46 -36.58
N ARG A 375 3.57 20.46 -35.52
CA ARG A 375 3.07 20.23 -34.17
C ARG A 375 4.14 20.67 -33.18
N ALA A 376 3.78 20.72 -31.90
CA ALA A 376 4.72 21.14 -30.88
C ALA A 376 5.73 20.06 -30.50
N TYR A 377 6.92 20.48 -30.14
CA TYR A 377 7.96 19.56 -29.71
C TYR A 377 8.03 19.79 -28.19
N GLU A 378 7.48 18.85 -27.44
CA GLU A 378 7.41 18.97 -25.99
C GLU A 378 8.50 18.32 -25.16
N GLU A 379 9.43 17.60 -25.80
CA GLU A 379 10.49 16.93 -25.05
C GLU A 379 11.74 17.78 -24.84
N PRO A 380 12.62 17.33 -23.93
CA PRO A 380 13.87 18.05 -23.64
C PRO A 380 14.76 18.10 -24.88
N GLY A 381 15.71 19.00 -24.89
CA GLY A 381 16.60 19.12 -26.03
C GLY A 381 17.63 20.19 -25.82
N ILE A 382 17.92 20.96 -26.86
CA ILE A 382 18.90 22.03 -26.80
C ILE A 382 18.21 23.38 -27.00
N MET A 383 18.65 24.38 -26.23
CA MET A 383 18.09 25.71 -26.34
C MET A 383 18.65 26.44 -27.54
N VAL A 384 17.78 27.10 -28.30
CA VAL A 384 18.17 27.87 -29.47
C VAL A 384 17.33 29.13 -29.46
N ASN A 385 17.78 30.16 -30.18
CA ASN A 385 17.04 31.43 -30.23
C ASN A 385 16.71 31.87 -28.81
N SER A 386 17.67 31.67 -27.91
CA SER A 386 17.48 32.03 -26.51
C SER A 386 18.64 32.87 -26.01
N GLY A 387 19.09 33.80 -26.85
CA GLY A 387 20.18 34.68 -26.45
C GLY A 387 21.40 33.99 -25.89
N PRO A 388 21.81 34.34 -24.66
CA PRO A 388 22.99 33.76 -24.01
C PRO A 388 22.88 32.29 -23.61
N PHE A 389 21.68 31.72 -23.71
CA PHE A 389 21.51 30.33 -23.32
C PHE A 389 21.67 29.32 -24.46
N ASP A 390 21.82 29.82 -25.68
CA ASP A 390 21.97 28.97 -26.86
C ASP A 390 22.95 27.83 -26.66
N GLY A 391 22.52 26.63 -27.07
CA GLY A 391 23.37 25.46 -26.94
C GLY A 391 23.27 24.77 -25.60
N THR A 392 22.56 25.38 -24.65
CA THR A 392 22.44 24.79 -23.33
C THR A 392 21.42 23.65 -23.31
N GLU A 393 21.81 22.55 -22.68
CA GLU A 393 20.95 21.39 -22.55
C GLU A 393 19.69 21.82 -21.77
N SER A 394 18.53 21.45 -22.31
CA SER A 394 17.21 21.77 -21.79
C SER A 394 17.00 21.73 -20.26
N GLU A 395 17.18 20.57 -19.65
CA GLU A 395 16.99 20.44 -18.21
C GLU A 395 17.86 21.41 -17.41
N GLU A 396 19.15 21.43 -17.72
CA GLU A 396 20.09 22.30 -17.03
C GLU A 396 19.71 23.76 -17.32
N GLY A 397 19.19 23.99 -18.52
CA GLY A 397 18.79 25.33 -18.93
C GLY A 397 17.71 25.94 -18.05
N LYS A 398 16.86 25.10 -17.48
CA LYS A 398 15.79 25.59 -16.60
C LYS A 398 16.42 26.30 -15.41
N ARG A 399 17.44 25.66 -14.84
CA ARG A 399 18.14 26.22 -13.69
C ARG A 399 18.85 27.51 -14.05
N LYS A 400 19.47 27.54 -15.22
CA LYS A 400 20.17 28.75 -15.65
C LYS A 400 19.21 29.90 -15.83
N VAL A 401 18.05 29.63 -16.43
CA VAL A 401 17.06 30.68 -16.66
C VAL A 401 16.49 31.17 -15.32
N ILE A 402 16.17 30.24 -14.43
CA ILE A 402 15.63 30.62 -13.14
C ILE A 402 16.66 31.51 -12.41
N ALA A 403 17.88 31.01 -12.27
CA ALA A 403 18.93 31.77 -11.61
C ALA A 403 19.09 33.13 -12.26
N TRP A 404 18.94 33.16 -13.58
CA TRP A 404 19.06 34.39 -14.35
C TRP A 404 17.92 35.36 -14.00
N LEU A 405 16.71 34.83 -13.90
CA LEU A 405 15.53 35.62 -13.58
C LEU A 405 15.59 36.22 -12.18
N GLU A 406 16.12 35.45 -11.23
CA GLU A 406 16.22 35.92 -9.84
C GLU A 406 17.19 37.08 -9.75
N GLU A 407 18.28 37.00 -10.51
CA GLU A 407 19.30 38.05 -10.52
C GLU A 407 18.75 39.36 -11.09
N LYS A 408 18.01 39.27 -12.19
CA LYS A 408 17.45 40.45 -12.83
C LYS A 408 16.14 40.86 -12.15
N GLY A 409 15.70 40.05 -11.19
CA GLY A 409 14.46 40.35 -10.49
C GLY A 409 13.25 40.28 -11.41
N LEU A 410 13.22 39.27 -12.27
CA LEU A 410 12.11 39.08 -13.21
C LEU A 410 11.28 37.85 -12.85
N GLY A 411 11.80 37.05 -11.92
CA GLY A 411 11.09 35.85 -11.50
C GLY A 411 11.84 35.10 -10.41
N LYS A 412 11.23 34.03 -9.91
CA LYS A 412 11.86 33.24 -8.85
C LYS A 412 11.56 31.75 -8.99
N GLY A 413 12.47 30.92 -8.49
CA GLY A 413 12.26 29.49 -8.55
C GLY A 413 11.14 29.12 -7.59
N ARG A 414 10.28 28.20 -8.00
CA ARG A 414 9.16 27.78 -7.17
C ARG A 414 8.97 26.26 -7.26
N VAL A 415 8.90 25.61 -6.10
CA VAL A 415 8.72 24.17 -6.06
C VAL A 415 7.24 23.78 -6.16
N THR A 416 6.96 22.79 -6.99
CA THR A 416 5.59 22.31 -7.18
C THR A 416 5.55 20.78 -6.94
N TYR A 417 4.36 20.26 -6.66
CA TYR A 417 4.20 18.83 -6.43
C TYR A 417 3.05 18.28 -7.25
N ARG A 418 3.23 17.08 -7.80
CA ARG A 418 2.16 16.48 -8.59
C ARG A 418 1.03 16.06 -7.64
N LEU A 419 1.41 15.77 -6.39
CA LEU A 419 0.46 15.35 -5.37
C LEU A 419 -0.69 16.32 -5.22
N ARG A 420 -1.92 15.81 -5.30
CA ARG A 420 -3.12 16.64 -5.16
C ARG A 420 -3.70 16.39 -3.78
N ASP A 421 -4.70 17.19 -3.40
CA ASP A 421 -5.31 17.00 -2.09
C ASP A 421 -6.19 15.75 -2.13
N TRP A 422 -6.43 15.18 -0.95
CA TRP A 422 -7.19 13.95 -0.79
C TRP A 422 -8.70 14.13 -0.71
N LEU A 423 -9.39 13.70 -1.76
CA LEU A 423 -10.85 13.79 -1.82
C LEU A 423 -11.42 12.66 -0.95
N ILE A 424 -11.99 13.00 0.20
CA ILE A 424 -12.53 11.99 1.09
C ILE A 424 -14.05 11.86 1.08
N SER A 425 -14.72 12.83 0.48
CA SER A 425 -16.18 12.81 0.43
C SER A 425 -16.69 11.66 -0.45
N ARG A 426 -17.71 10.96 0.04
CA ARG A 426 -18.31 9.84 -0.69
C ARG A 426 -19.83 9.84 -0.52
N GLN A 427 -20.55 9.56 -1.60
CA GLN A 427 -22.01 9.52 -1.55
C GLN A 427 -22.46 8.06 -1.40
N ARG A 428 -22.19 7.49 -0.24
CA ARG A 428 -22.56 6.10 0.05
C ARG A 428 -23.01 5.97 1.49
N TYR A 429 -23.71 4.87 1.78
CA TYR A 429 -24.23 4.63 3.12
C TYR A 429 -23.23 4.00 4.08
N TRP A 430 -22.65 2.88 3.68
CA TRP A 430 -21.70 2.16 4.52
C TRP A 430 -20.36 2.89 4.63
N GLY A 431 -20.32 3.90 5.50
CA GLY A 431 -19.11 4.68 5.70
C GLY A 431 -19.27 5.64 6.85
N THR A 432 -18.18 6.28 7.25
CA THR A 432 -18.22 7.22 8.38
C THR A 432 -18.85 8.55 7.97
N PRO A 433 -19.90 8.97 8.69
CA PRO A 433 -20.57 10.24 8.38
C PRO A 433 -19.70 11.43 8.75
N ILE A 434 -19.61 12.41 7.85
CA ILE A 434 -18.82 13.61 8.10
C ILE A 434 -19.54 14.44 9.17
N PRO A 435 -18.88 14.67 10.32
CA PRO A 435 -19.42 15.43 11.45
C PRO A 435 -19.55 16.93 11.22
N MET A 436 -20.27 17.30 10.15
CA MET A 436 -20.47 18.71 9.82
C MET A 436 -21.95 19.02 9.58
N VAL A 437 -22.34 20.27 9.83
CA VAL A 437 -23.73 20.70 9.63
C VAL A 437 -23.79 21.91 8.69
N HIS A 438 -24.79 21.93 7.83
CA HIS A 438 -24.96 23.01 6.86
C HIS A 438 -26.12 23.94 7.28
N CYS A 439 -25.79 24.97 8.05
CA CYS A 439 -26.77 25.94 8.53
C CYS A 439 -27.24 26.88 7.43
N VAL A 444 -21.60 26.23 7.11
CA VAL A 444 -20.89 25.00 7.44
C VAL A 444 -20.32 25.07 8.85
N VAL A 445 -20.95 24.37 9.78
CA VAL A 445 -20.51 24.38 11.17
C VAL A 445 -20.11 22.98 11.65
N PRO A 446 -19.05 22.89 12.44
CA PRO A 446 -18.59 21.61 12.96
C PRO A 446 -19.42 21.10 14.14
N VAL A 447 -19.77 19.82 14.11
CA VAL A 447 -20.55 19.23 15.20
C VAL A 447 -19.70 19.27 16.46
N PRO A 448 -20.33 19.54 17.61
CA PRO A 448 -19.57 19.59 18.87
C PRO A 448 -18.88 18.25 19.15
N GLU A 449 -17.71 18.32 19.77
CA GLU A 449 -16.93 17.13 20.09
C GLU A 449 -17.67 16.16 21.01
N GLU A 450 -18.46 16.71 21.93
CA GLU A 450 -19.22 15.89 22.88
C GLU A 450 -20.47 15.28 22.29
N GLU A 451 -20.91 15.78 21.14
CA GLU A 451 -22.10 15.25 20.49
C GLU A 451 -21.75 14.04 19.62
N LEU A 452 -20.46 13.78 19.46
CA LEU A 452 -20.01 12.65 18.65
C LEU A 452 -20.28 11.35 19.38
N PRO A 453 -20.49 10.25 18.64
CA PRO A 453 -20.49 10.18 17.18
C PRO A 453 -21.79 10.50 16.49
N VAL A 454 -21.70 10.82 15.20
CA VAL A 454 -22.86 11.08 14.39
C VAL A 454 -23.17 9.71 13.78
N LEU A 455 -24.12 9.01 14.40
CA LEU A 455 -24.51 7.68 13.99
C LEU A 455 -25.19 7.62 12.62
N LEU A 456 -25.04 6.47 11.95
CA LEU A 456 -25.66 6.27 10.64
C LEU A 456 -27.15 5.99 10.85
N PRO A 457 -27.99 6.33 9.86
CA PRO A 457 -29.45 6.13 9.90
C PRO A 457 -29.83 4.68 10.11
N ASP A 458 -30.97 4.44 10.74
CA ASP A 458 -31.37 3.05 11.00
C ASP A 458 -32.34 2.55 9.94
N LEU A 459 -31.83 2.05 8.81
CA LEU A 459 -32.67 1.58 7.69
C LEU A 459 -34.02 0.89 7.99
N LYS A 460 -34.71 0.55 6.90
CA LYS A 460 -35.99 -0.14 6.93
C LYS A 460 -36.04 -0.99 5.66
N ASP A 461 -35.20 -0.59 4.73
CA ASP A 461 -35.10 -1.26 3.44
C ASP A 461 -33.62 -1.43 3.09
N VAL A 462 -33.32 -2.46 2.30
CA VAL A 462 -31.96 -2.73 1.88
C VAL A 462 -31.68 -1.95 0.61
N GLU A 463 -32.71 -1.78 -0.22
CA GLU A 463 -32.58 -1.04 -1.47
C GLU A 463 -32.46 0.44 -1.13
N ASP A 464 -32.80 0.76 0.11
CA ASP A 464 -32.77 2.12 0.61
C ASP A 464 -31.38 2.74 0.49
N ILE A 465 -30.38 1.91 0.18
CA ILE A 465 -29.01 2.39 0.04
C ILE A 465 -28.63 2.45 -1.43
N SER A 471 -27.94 10.70 -3.04
CA SER A 471 -27.16 10.11 -1.90
C SER A 471 -28.07 9.36 -0.93
N PRO A 472 -27.61 8.21 -0.42
CA PRO A 472 -28.38 7.40 0.53
C PRO A 472 -28.80 8.14 1.78
N LEU A 473 -27.91 8.97 2.31
CA LEU A 473 -28.21 9.74 3.51
C LEU A 473 -29.24 10.84 3.22
N GLU A 474 -29.41 11.17 1.95
CA GLU A 474 -30.37 12.21 1.54
C GLU A 474 -31.81 11.73 1.68
N ALA A 475 -32.03 10.43 1.46
CA ALA A 475 -33.37 9.86 1.55
C ALA A 475 -33.79 9.61 3.00
N HIS A 476 -33.12 10.25 3.95
CA HIS A 476 -33.45 10.09 5.35
C HIS A 476 -33.68 11.42 6.05
N PRO A 477 -34.87 11.99 5.89
CA PRO A 477 -35.21 13.27 6.50
C PRO A 477 -34.96 13.29 8.01
N GLU A 478 -35.35 12.22 8.70
CA GLU A 478 -35.15 12.15 10.15
C GLU A 478 -33.68 12.13 10.52
N PHE A 479 -32.80 12.16 9.52
CA PHE A 479 -31.37 12.15 9.76
C PHE A 479 -30.73 13.53 9.62
N TYR A 480 -30.75 14.07 8.41
CA TYR A 480 -30.16 15.37 8.15
C TYR A 480 -30.89 16.55 8.77
N GLU A 481 -32.19 16.38 9.02
CA GLU A 481 -32.97 17.45 9.64
C GLU A 481 -32.55 17.62 11.09
N THR A 482 -31.80 18.70 11.35
CA THR A 482 -31.33 19.00 12.69
C THR A 482 -31.20 20.51 12.87
N THR A 483 -30.99 20.94 14.10
CA THR A 483 -30.85 22.36 14.39
C THR A 483 -29.38 22.78 14.38
N CYS A 484 -29.13 23.99 13.86
CA CYS A 484 -27.79 24.53 13.78
C CYS A 484 -27.19 24.73 15.17
N PRO A 485 -25.96 24.25 15.39
CA PRO A 485 -25.30 24.40 16.69
C PRO A 485 -24.82 25.82 16.93
N LYS A 492 -29.08 21.40 8.55
CA LYS A 492 -29.03 20.14 7.82
C LYS A 492 -27.67 19.45 7.94
N ARG A 493 -27.70 18.15 8.23
CA ARG A 493 -26.47 17.36 8.36
C ARG A 493 -25.85 17.06 7.00
N ASP A 494 -24.52 16.95 6.97
CA ASP A 494 -23.82 16.64 5.73
C ASP A 494 -24.28 15.25 5.34
N THR A 495 -24.46 15.01 4.04
CA THR A 495 -24.93 13.71 3.58
C THR A 495 -23.83 12.86 2.92
N ASP A 496 -22.58 13.08 3.31
CA ASP A 496 -21.48 12.32 2.75
C ASP A 496 -20.77 11.49 3.81
N THR A 497 -20.17 10.38 3.36
CA THR A 497 -19.42 9.52 4.26
C THR A 497 -17.95 9.58 3.86
N MET A 498 -17.07 9.21 4.79
CA MET A 498 -15.63 9.26 4.54
C MET A 498 -15.09 8.05 3.78
N ASP A 499 -14.15 8.33 2.88
CA ASP A 499 -13.47 7.31 2.10
C ASP A 499 -12.90 6.36 3.16
N THR A 500 -13.10 5.05 3.00
CA THR A 500 -12.62 4.07 3.97
C THR A 500 -11.12 4.11 4.20
N PHE A 501 -10.39 4.77 3.29
CA PHE A 501 -8.95 4.90 3.44
C PHE A 501 -8.68 5.74 4.68
N PHE A 502 -9.67 6.54 5.05
CA PHE A 502 -9.55 7.39 6.23
C PHE A 502 -9.44 6.45 7.42
N ASP A 503 -10.33 5.45 7.45
CA ASP A 503 -10.36 4.46 8.54
C ASP A 503 -9.01 3.76 8.71
N SER A 504 -8.41 3.32 7.61
CA SER A 504 -7.16 2.59 7.69
C SER A 504 -5.89 3.41 7.84
N SER A 505 -6.01 4.73 7.89
CA SER A 505 -4.84 5.58 8.02
C SER A 505 -4.32 5.69 9.44
N TRP A 506 -5.06 5.14 10.40
CA TRP A 506 -4.62 5.22 11.79
C TRP A 506 -5.02 4.02 12.65
N TYR A 507 -5.65 3.00 12.05
CA TYR A 507 -6.08 1.84 12.84
C TYR A 507 -4.95 1.22 13.67
N TYR A 508 -3.73 1.29 13.16
CA TYR A 508 -2.57 0.75 13.86
C TYR A 508 -2.31 1.47 15.19
N LEU A 509 -2.83 2.69 15.32
CA LEU A 509 -2.67 3.46 16.56
C LEU A 509 -3.77 3.06 17.54
N ARG A 510 -4.95 2.80 17.01
CA ARG A 510 -6.08 2.39 17.85
C ARG A 510 -5.74 1.08 18.55
N TYR A 511 -5.05 0.18 17.86
CA TYR A 511 -4.66 -1.10 18.46
C TYR A 511 -3.90 -0.89 19.77
N THR A 512 -3.22 0.24 19.91
CA THR A 512 -2.47 0.50 21.14
C THR A 512 -3.36 0.88 22.32
N ASP A 513 -4.62 1.22 22.04
CA ASP A 513 -5.55 1.61 23.10
C ASP A 513 -6.96 1.52 22.53
N PRO A 514 -7.39 0.32 22.13
CA PRO A 514 -8.68 -0.04 21.53
C PRO A 514 -9.96 0.24 22.30
N HIS A 515 -9.86 0.44 23.62
CA HIS A 515 -11.06 0.68 24.39
C HIS A 515 -11.20 2.11 24.95
N ASN A 516 -10.35 3.02 24.50
CA ASN A 516 -10.40 4.40 24.97
C ASN A 516 -11.64 5.09 24.40
N ASP A 517 -12.51 5.59 25.28
CA ASP A 517 -13.71 6.27 24.81
C ASP A 517 -13.64 7.78 25.03
N ARG A 518 -12.44 8.27 25.36
CA ARG A 518 -12.21 9.70 25.59
C ARG A 518 -11.32 10.30 24.50
N LEU A 519 -10.45 9.46 23.91
CA LEU A 519 -9.54 9.88 22.86
C LEU A 519 -9.34 8.75 21.85
N PRO A 520 -8.85 9.07 20.64
CA PRO A 520 -8.62 8.01 19.65
C PRO A 520 -7.63 7.03 20.28
N PHE A 521 -6.79 7.56 21.16
CA PHE A 521 -5.80 6.77 21.87
C PHE A 521 -5.00 7.64 22.83
N ASP A 522 -4.47 7.03 23.88
CA ASP A 522 -3.66 7.74 24.86
C ASP A 522 -2.21 7.79 24.36
N PRO A 523 -1.69 9.00 24.14
CA PRO A 523 -0.32 9.19 23.66
C PRO A 523 0.69 8.29 24.36
N GLU A 524 0.53 8.13 25.66
CA GLU A 524 1.45 7.31 26.42
C GLU A 524 1.44 5.86 25.93
N LYS A 525 0.26 5.30 25.69
CA LYS A 525 0.15 3.92 25.21
C LYS A 525 0.69 3.82 23.79
N ALA A 526 0.27 4.73 22.93
CA ALA A 526 0.73 4.74 21.55
C ALA A 526 2.26 4.88 21.46
N ASN A 527 2.82 5.82 22.20
CA ASN A 527 4.26 6.04 22.16
C ASN A 527 5.03 4.86 22.70
N ALA A 528 4.38 4.08 23.57
CA ALA A 528 5.06 2.92 24.13
C ALA A 528 5.14 1.79 23.11
N TRP A 529 4.12 1.66 22.27
CA TRP A 529 4.12 0.60 21.27
C TRP A 529 4.67 0.98 19.89
N MET A 530 4.52 2.24 19.52
CA MET A 530 4.99 2.71 18.23
C MET A 530 6.50 2.86 18.20
N PRO A 531 7.11 2.80 17.02
CA PRO A 531 6.43 2.62 15.73
C PRO A 531 6.28 1.14 15.45
N VAL A 532 5.57 0.81 14.39
CA VAL A 532 5.38 -0.58 13.98
C VAL A 532 6.76 -1.07 13.52
N ASP A 533 7.25 -2.15 14.12
CA ASP A 533 8.55 -2.68 13.76
C ASP A 533 8.54 -3.36 12.38
N GLN A 534 7.47 -4.07 12.06
CA GLN A 534 7.34 -4.70 10.75
C GLN A 534 5.88 -4.67 10.31
N TYR A 535 5.61 -4.00 9.20
CA TYR A 535 4.27 -3.94 8.66
C TYR A 535 4.30 -4.93 7.51
N ILE A 536 3.41 -5.91 7.56
CA ILE A 536 3.37 -6.96 6.56
C ILE A 536 2.23 -6.84 5.56
N GLY A 537 2.54 -7.01 4.27
CA GLY A 537 1.51 -6.94 3.26
C GLY A 537 2.07 -6.63 1.88
N GLY A 538 1.21 -6.68 0.88
CA GLY A 538 1.63 -6.37 -0.47
C GLY A 538 1.70 -4.86 -0.62
N VAL A 539 2.74 -4.35 -1.27
CA VAL A 539 2.87 -2.90 -1.44
C VAL A 539 2.61 -2.44 -2.86
N GLU A 540 2.82 -3.32 -3.82
CA GLU A 540 2.60 -2.99 -5.23
C GLU A 540 1.37 -2.10 -5.43
N HIS A 541 0.35 -2.29 -4.62
CA HIS A 541 -0.87 -1.50 -4.75
C HIS A 541 -1.28 -0.85 -3.44
N ALA A 542 -0.31 -0.35 -2.70
CA ALA A 542 -0.59 0.30 -1.42
C ALA A 542 0.08 1.67 -1.31
N VAL A 543 0.38 2.29 -2.44
CA VAL A 543 1.02 3.61 -2.47
C VAL A 543 0.23 4.65 -1.67
N LEU A 544 -1.08 4.72 -1.92
CA LEU A 544 -1.94 5.66 -1.22
C LEU A 544 -2.04 5.35 0.26
N HIS A 545 -2.42 4.12 0.59
CA HIS A 545 -2.56 3.70 1.98
C HIS A 545 -1.33 4.07 2.80
N LEU A 546 -0.14 3.82 2.25
CA LEU A 546 1.11 4.14 2.95
C LEU A 546 1.29 5.65 3.07
N LEU A 547 0.94 6.37 2.00
CA LEU A 547 1.06 7.82 1.99
C LEU A 547 0.07 8.43 2.99
N TYR A 548 -1.19 8.00 2.90
CA TYR A 548 -2.23 8.50 3.79
C TYR A 548 -1.88 8.27 5.27
N SER A 549 -1.37 7.08 5.56
CA SER A 549 -1.00 6.72 6.92
C SER A 549 0.12 7.61 7.45
N ARG A 550 1.13 7.82 6.62
CA ARG A 550 2.26 8.67 7.00
C ARG A 550 1.75 10.07 7.26
N PHE A 551 0.79 10.50 6.45
CA PHE A 551 0.15 11.80 6.60
C PHE A 551 -0.55 11.89 7.97
N PHE A 552 -1.42 10.93 8.27
CA PHE A 552 -2.12 10.92 9.55
C PHE A 552 -1.17 10.94 10.73
N THR A 553 -0.11 10.14 10.67
CA THR A 553 0.85 10.09 11.77
C THR A 553 1.54 11.45 11.96
N LYS A 554 1.99 12.06 10.87
CA LYS A 554 2.64 13.35 10.96
C LYS A 554 1.69 14.39 11.55
N PHE A 555 0.42 14.32 11.16
CA PHE A 555 -0.56 15.26 11.68
C PHE A 555 -0.76 15.03 13.18
N LEU A 556 -0.99 13.78 13.55
CA LEU A 556 -1.21 13.45 14.95
C LEU A 556 0.03 13.77 15.77
N HIS A 557 1.18 13.80 15.11
CA HIS A 557 2.41 14.14 15.79
C HIS A 557 2.42 15.64 16.06
N ASP A 558 1.93 16.41 15.10
CA ASP A 558 1.88 17.85 15.24
C ASP A 558 0.93 18.23 16.38
N LEU A 559 -0.05 17.38 16.66
CA LEU A 559 -1.00 17.65 17.73
C LEU A 559 -0.39 17.24 19.06
N GLY A 560 0.83 16.71 19.01
CA GLY A 560 1.50 16.28 20.22
C GLY A 560 1.04 14.93 20.75
N MET A 561 0.34 14.17 19.93
CA MET A 561 -0.16 12.85 20.36
C MET A 561 0.76 11.65 20.07
N VAL A 562 1.64 11.78 19.07
CA VAL A 562 2.54 10.71 18.71
C VAL A 562 3.98 11.20 18.64
N LYS A 563 4.89 10.48 19.28
CA LYS A 563 6.30 10.87 19.28
C LYS A 563 6.96 10.71 17.90
N VAL A 564 6.70 9.59 17.23
CA VAL A 564 7.30 9.36 15.91
C VAL A 564 6.54 10.07 14.80
N GLU A 565 7.19 10.24 13.66
CA GLU A 565 6.56 10.87 12.51
C GLU A 565 6.40 9.88 11.35
N GLU A 566 6.93 8.67 11.55
CA GLU A 566 6.84 7.61 10.55
C GLU A 566 6.23 6.40 11.27
N PRO A 567 4.98 6.05 10.93
CA PRO A 567 4.28 4.92 11.55
C PRO A 567 4.91 3.54 11.37
N PHE A 568 5.45 3.28 10.19
CA PHE A 568 6.06 1.98 9.93
C PHE A 568 7.58 2.05 9.79
N GLN A 569 8.29 1.58 10.81
CA GLN A 569 9.74 1.59 10.78
C GLN A 569 10.26 0.61 9.73
N GLY A 570 9.53 -0.48 9.51
CA GLY A 570 9.94 -1.46 8.52
C GLY A 570 8.79 -2.05 7.75
N LEU A 571 9.02 -2.31 6.46
CA LEU A 571 8.03 -2.91 5.58
C LEU A 571 8.46 -4.32 5.19
N PHE A 572 7.62 -5.29 5.54
CA PHE A 572 7.87 -6.70 5.27
C PHE A 572 6.97 -7.04 4.08
N THR A 573 7.40 -6.67 2.88
CA THR A 573 6.62 -6.91 1.67
C THR A 573 6.46 -8.39 1.37
N GLN A 574 5.27 -8.74 0.88
CA GLN A 574 4.93 -10.12 0.55
C GLN A 574 4.49 -10.19 -0.90
N GLY A 575 5.06 -11.12 -1.65
CA GLY A 575 4.68 -11.29 -3.04
C GLY A 575 3.38 -12.07 -3.09
N MET A 576 2.69 -12.02 -4.22
CA MET A 576 1.42 -12.69 -4.38
C MET A 576 1.55 -14.22 -4.43
N VAL A 577 0.52 -14.90 -3.92
CA VAL A 577 0.45 -16.35 -3.95
C VAL A 577 -0.30 -16.69 -5.23
N LEU A 578 0.27 -17.54 -6.07
CA LEU A 578 -0.38 -17.92 -7.32
C LEU A 578 -0.85 -19.37 -7.28
N ALA A 579 -1.56 -19.78 -8.34
CA ALA A 579 -2.05 -21.15 -8.45
C ALA A 579 -2.25 -21.51 -9.91
N TRP A 580 -1.84 -22.71 -10.30
CA TRP A 580 -1.99 -23.14 -11.68
C TRP A 580 -3.45 -23.08 -12.09
N THR A 581 -3.72 -22.31 -13.13
CA THR A 581 -5.07 -22.10 -13.61
C THR A 581 -5.24 -22.53 -15.08
N ASP A 582 -6.32 -23.22 -15.36
CA ASP A 582 -6.65 -23.69 -16.70
C ASP A 582 -7.41 -22.55 -17.38
N PHE A 583 -6.82 -21.95 -18.42
CA PHE A 583 -7.48 -20.84 -19.10
C PHE A 583 -8.33 -21.23 -20.29
N GLY A 584 -8.24 -22.47 -20.73
CA GLY A 584 -9.05 -22.91 -21.85
C GLY A 584 -8.28 -23.58 -22.98
N PRO A 585 -8.99 -24.10 -23.98
CA PRO A 585 -8.32 -24.77 -25.10
C PRO A 585 -7.64 -23.76 -26.03
N VAL A 586 -6.67 -24.25 -26.79
CA VAL A 586 -5.95 -23.44 -27.75
C VAL A 586 -5.70 -24.33 -28.95
N GLU A 587 -5.25 -23.73 -30.04
CA GLU A 587 -4.96 -24.49 -31.25
C GLU A 587 -3.54 -24.15 -31.67
N VAL A 588 -2.72 -25.19 -31.83
CA VAL A 588 -1.34 -24.98 -32.21
C VAL A 588 -1.01 -25.39 -33.64
N GLU A 589 -0.23 -24.56 -34.31
CA GLU A 589 0.21 -24.86 -35.67
C GLU A 589 1.61 -24.29 -35.82
N GLY A 590 2.59 -25.17 -35.87
CA GLY A 590 3.96 -24.72 -35.98
C GLY A 590 4.34 -24.08 -34.65
N SER A 591 4.88 -22.87 -34.70
CA SER A 591 5.30 -22.17 -33.49
C SER A 591 4.24 -21.17 -33.02
N VAL A 592 3.08 -21.18 -33.66
CA VAL A 592 2.03 -20.23 -33.32
C VAL A 592 0.83 -20.87 -32.63
N VAL A 593 0.43 -20.27 -31.51
CA VAL A 593 -0.70 -20.75 -30.72
C VAL A 593 -1.90 -19.82 -30.88
N ARG A 594 -2.98 -20.35 -31.45
CA ARG A 594 -4.20 -19.56 -31.64
C ARG A 594 -5.04 -19.65 -30.36
N LEU A 595 -5.49 -18.50 -29.88
CA LEU A 595 -6.31 -18.46 -28.69
C LEU A 595 -7.77 -18.16 -29.00
N PRO A 596 -8.68 -19.11 -28.74
CA PRO A 596 -10.09 -18.86 -29.02
C PRO A 596 -10.51 -17.68 -28.12
N GLU A 597 -11.51 -16.93 -28.53
CA GLU A 597 -11.97 -15.77 -27.75
C GLU A 597 -12.17 -16.05 -26.26
N PRO A 598 -12.88 -17.15 -25.91
CA PRO A 598 -13.09 -17.44 -24.48
C PRO A 598 -11.76 -17.57 -23.74
N THR A 599 -10.81 -18.29 -24.35
CA THR A 599 -9.49 -18.46 -23.74
C THR A 599 -8.77 -17.13 -23.60
N ARG A 600 -8.73 -16.34 -24.67
CA ARG A 600 -8.06 -15.05 -24.64
C ARG A 600 -8.69 -14.12 -23.60
N ILE A 601 -10.01 -14.14 -23.49
CA ILE A 601 -10.70 -13.28 -22.53
C ILE A 601 -10.33 -13.63 -21.09
N ARG A 602 -10.29 -14.92 -20.77
CA ARG A 602 -9.93 -15.32 -19.42
C ARG A 602 -8.51 -14.87 -19.09
N LEU A 603 -7.61 -14.97 -20.07
CA LEU A 603 -6.22 -14.57 -19.89
C LEU A 603 -6.07 -13.07 -19.76
N GLU A 604 -7.03 -12.32 -20.28
CA GLU A 604 -7.01 -10.87 -20.22
C GLU A 604 -5.83 -10.24 -20.97
N ILE A 605 -5.55 -10.75 -22.17
CA ILE A 605 -4.49 -10.20 -22.99
C ILE A 605 -5.05 -9.87 -24.37
N PRO A 606 -4.40 -8.94 -25.09
CA PRO A 606 -4.86 -8.54 -26.43
C PRO A 606 -4.53 -9.50 -27.58
N GLU A 607 -3.53 -10.37 -27.38
CA GLU A 607 -3.14 -11.29 -28.45
C GLU A 607 -4.09 -12.45 -28.72
N SER A 608 -4.43 -12.64 -29.99
CA SER A 608 -5.27 -13.77 -30.39
C SER A 608 -4.33 -14.88 -30.82
N ALA A 609 -3.05 -14.55 -30.88
CA ALA A 609 -2.02 -15.50 -31.27
C ALA A 609 -0.76 -15.29 -30.45
N LEU A 610 -0.16 -16.39 -30.01
CA LEU A 610 1.08 -16.33 -29.22
C LEU A 610 2.05 -17.33 -29.79
N SER A 611 3.34 -17.03 -29.71
CA SER A 611 4.33 -17.99 -30.19
C SER A 611 4.58 -18.98 -29.05
N LEU A 612 5.12 -20.16 -29.38
CA LEU A 612 5.43 -21.12 -28.33
C LEU A 612 6.36 -20.47 -27.32
N GLU A 613 7.22 -19.58 -27.82
CA GLU A 613 8.17 -18.87 -26.96
C GLU A 613 7.46 -17.86 -26.06
N ASP A 614 6.39 -17.24 -26.56
CA ASP A 614 5.64 -16.27 -25.75
C ASP A 614 4.98 -17.03 -24.59
N VAL A 615 4.42 -18.19 -24.91
CA VAL A 615 3.75 -19.01 -23.92
C VAL A 615 4.72 -19.36 -22.78
N ARG A 616 5.90 -19.83 -23.14
CA ARG A 616 6.91 -20.19 -22.16
C ARG A 616 7.32 -18.99 -21.32
N LYS A 617 7.62 -17.89 -21.99
CA LYS A 617 8.06 -16.67 -21.31
C LYS A 617 7.09 -16.16 -20.26
N MET A 618 5.79 -16.35 -20.46
CA MET A 618 4.83 -15.88 -19.48
C MET A 618 4.63 -16.91 -18.36
N GLY A 619 5.38 -18.01 -18.43
CA GLY A 619 5.26 -19.04 -17.43
C GLY A 619 4.09 -19.98 -17.64
N ALA A 620 3.59 -20.03 -18.87
CA ALA A 620 2.46 -20.90 -19.18
C ALA A 620 2.93 -22.21 -19.80
N GLU A 621 2.01 -23.17 -19.90
CA GLU A 621 2.29 -24.47 -20.49
C GLU A 621 1.03 -25.01 -21.13
N LEU A 622 1.18 -25.69 -22.26
CA LEU A 622 0.06 -26.27 -22.97
C LEU A 622 -0.05 -27.70 -22.46
N ARG A 623 -1.23 -28.06 -21.97
CA ARG A 623 -1.42 -29.38 -21.41
C ARG A 623 -2.58 -30.14 -22.06
N PRO A 624 -2.33 -31.41 -22.44
CA PRO A 624 -3.38 -32.22 -23.06
C PRO A 624 -4.54 -32.45 -22.12
N HIS A 625 -5.74 -32.29 -22.65
CA HIS A 625 -6.97 -32.45 -21.90
C HIS A 625 -7.63 -33.74 -22.39
N GLU A 626 -8.50 -34.32 -21.57
CA GLU A 626 -9.19 -35.53 -21.96
C GLU A 626 -10.11 -35.26 -23.15
N ASP A 627 -10.41 -33.97 -23.37
CA ASP A 627 -11.29 -33.58 -24.48
C ASP A 627 -10.56 -33.74 -25.81
N GLY A 628 -9.29 -34.16 -25.74
CA GLY A 628 -8.52 -34.37 -26.96
C GLY A 628 -7.83 -33.13 -27.49
N THR A 629 -7.94 -32.02 -26.77
CA THR A 629 -7.33 -30.76 -27.19
C THR A 629 -6.34 -30.24 -26.14
N LEU A 630 -5.51 -29.29 -26.55
CA LEU A 630 -4.55 -28.70 -25.64
C LEU A 630 -5.16 -27.48 -24.96
N HIS A 631 -4.85 -27.32 -23.68
CA HIS A 631 -5.33 -26.19 -22.91
C HIS A 631 -4.12 -25.40 -22.44
N LEU A 632 -4.30 -24.10 -22.29
CA LEU A 632 -3.21 -23.27 -21.82
C LEU A 632 -3.37 -23.08 -20.30
N TRP A 633 -2.37 -23.51 -19.55
CA TRP A 633 -2.36 -23.40 -18.10
C TRP A 633 -1.29 -22.39 -17.69
N LYS A 634 -1.52 -21.69 -16.59
CA LYS A 634 -0.54 -20.70 -16.13
C LYS A 634 -0.80 -20.32 -14.69
N PRO A 635 0.27 -20.04 -13.92
CA PRO A 635 0.07 -19.64 -12.54
C PRO A 635 -0.63 -18.28 -12.54
N ALA A 636 -1.74 -18.17 -11.83
CA ALA A 636 -2.49 -16.91 -11.79
C ALA A 636 -2.76 -16.53 -10.34
N VAL A 637 -2.74 -15.24 -10.06
CA VAL A 637 -2.99 -14.72 -8.73
C VAL A 637 -4.18 -15.44 -8.12
N MET A 638 -4.00 -15.94 -6.90
CA MET A 638 -5.06 -16.66 -6.22
C MET A 638 -6.10 -15.65 -5.73
N SER A 639 -7.33 -15.82 -6.21
CA SER A 639 -8.44 -14.95 -5.84
C SER A 639 -9.76 -15.67 -6.05
N LYS A 640 -10.77 -15.29 -5.27
CA LYS A 640 -12.09 -15.91 -5.34
C LYS A 640 -12.67 -15.82 -6.77
N SER A 641 -12.49 -14.66 -7.39
CA SER A 641 -12.99 -14.43 -8.75
C SER A 641 -12.37 -15.43 -9.74
N LYS A 642 -11.06 -15.54 -9.74
CA LYS A 642 -10.35 -16.45 -10.64
C LYS A 642 -10.77 -17.90 -10.43
N GLY A 643 -11.40 -18.18 -9.30
CA GLY A 643 -11.84 -19.53 -8.99
C GLY A 643 -10.68 -20.50 -8.81
N ASN A 644 -9.55 -19.99 -8.35
CA ASN A 644 -8.35 -20.80 -8.14
C ASN A 644 -7.90 -20.73 -6.67
N GLY A 645 -8.76 -20.17 -5.82
CA GLY A 645 -8.42 -20.06 -4.42
C GLY A 645 -8.43 -21.37 -3.66
N VAL A 646 -7.48 -21.51 -2.73
CA VAL A 646 -7.38 -22.68 -1.88
C VAL A 646 -7.87 -22.19 -0.53
N MET A 647 -9.10 -22.55 -0.20
CA MET A 647 -9.72 -22.12 1.05
C MET A 647 -9.12 -22.78 2.28
N VAL A 648 -8.87 -21.98 3.31
CA VAL A 648 -8.27 -22.46 4.55
C VAL A 648 -9.06 -23.56 5.26
N GLY A 649 -10.33 -23.28 5.55
CA GLY A 649 -11.17 -24.25 6.24
C GLY A 649 -11.09 -25.65 5.65
N PRO A 650 -11.43 -25.80 4.36
CA PRO A 650 -11.39 -27.11 3.71
C PRO A 650 -9.98 -27.73 3.72
N PHE A 651 -8.97 -26.96 3.33
CA PHE A 651 -7.62 -27.51 3.29
C PHE A 651 -7.13 -28.00 4.65
N VAL A 652 -7.27 -27.18 5.68
CA VAL A 652 -6.81 -27.58 7.00
C VAL A 652 -7.55 -28.84 7.48
N LYS A 653 -8.81 -28.95 7.11
CA LYS A 653 -9.61 -30.11 7.53
C LYS A 653 -9.14 -31.39 6.85
N GLU A 654 -8.77 -31.28 5.59
CA GLU A 654 -8.32 -32.43 4.82
C GLU A 654 -6.82 -32.70 5.00
N GLN A 655 -6.04 -31.64 5.24
CA GLN A 655 -4.60 -31.79 5.42
C GLN A 655 -4.18 -31.35 6.82
N GLY A 656 -3.85 -30.08 6.98
CA GLY A 656 -3.47 -29.59 8.29
C GLY A 656 -2.90 -28.20 8.26
N ALA A 657 -2.85 -27.57 9.43
CA ALA A 657 -2.33 -26.22 9.57
C ALA A 657 -0.82 -26.16 9.32
N ASP A 658 -0.06 -26.97 10.06
CA ASP A 658 1.39 -26.96 9.88
C ASP A 658 1.77 -27.27 8.45
N ILE A 659 1.01 -28.15 7.80
CA ILE A 659 1.30 -28.48 6.43
C ILE A 659 1.14 -27.24 5.55
N ALA A 660 0.05 -26.51 5.75
CA ALA A 660 -0.21 -25.30 4.97
C ALA A 660 0.89 -24.27 5.25
N ARG A 661 1.21 -24.07 6.53
CA ARG A 661 2.23 -23.10 6.92
C ARG A 661 3.57 -23.39 6.25
N ILE A 662 4.01 -24.64 6.33
CA ILE A 662 5.29 -24.99 5.72
C ILE A 662 5.24 -24.83 4.21
N THR A 663 4.12 -25.21 3.60
CA THR A 663 3.97 -25.09 2.16
C THR A 663 4.18 -23.64 1.74
N ILE A 664 3.55 -22.73 2.47
CA ILE A 664 3.68 -21.30 2.17
C ILE A 664 5.06 -20.75 2.47
N LEU A 665 5.54 -20.98 3.69
CA LEU A 665 6.83 -20.46 4.15
C LEU A 665 8.09 -20.91 3.43
N PHE A 666 8.08 -22.12 2.89
CA PHE A 666 9.24 -22.67 2.21
C PHE A 666 9.22 -22.48 0.68
N ALA A 667 8.07 -22.14 0.13
CA ALA A 667 7.92 -22.01 -1.32
C ALA A 667 8.91 -21.06 -1.99
N ALA A 668 9.19 -19.92 -1.37
CA ALA A 668 10.11 -18.96 -1.97
C ALA A 668 10.32 -17.82 -1.00
N PRO A 669 11.23 -16.89 -1.34
CA PRO A 669 11.46 -15.75 -0.45
C PRO A 669 10.10 -15.05 -0.27
N PRO A 670 9.83 -14.51 0.93
CA PRO A 670 8.55 -13.84 1.17
C PRO A 670 8.24 -12.68 0.22
N GLU A 671 9.26 -11.92 -0.15
CA GLU A 671 9.04 -10.78 -1.04
C GLU A 671 8.73 -11.22 -2.47
N ASN A 672 9.07 -12.46 -2.79
CA ASN A 672 8.83 -13.00 -4.13
C ASN A 672 7.45 -13.61 -4.25
N GLU A 673 6.97 -13.73 -5.47
CA GLU A 673 5.68 -14.36 -5.69
C GLU A 673 5.95 -15.86 -5.50
N MET A 674 4.93 -16.63 -5.19
CA MET A 674 5.09 -18.07 -5.03
C MET A 674 3.87 -18.75 -5.65
N VAL A 675 4.04 -20.02 -6.01
CA VAL A 675 2.93 -20.76 -6.58
C VAL A 675 2.55 -21.88 -5.60
N TRP A 676 1.30 -21.90 -5.21
CA TRP A 676 0.83 -22.94 -4.31
C TRP A 676 0.64 -24.20 -5.17
N THR A 677 1.34 -25.27 -4.82
CA THR A 677 1.24 -26.52 -5.57
C THR A 677 1.06 -27.75 -4.67
N GLU A 678 0.50 -28.80 -5.25
CA GLU A 678 0.32 -30.05 -4.53
C GLU A 678 1.72 -30.63 -4.20
N GLU A 679 2.71 -30.28 -5.03
CA GLU A 679 4.09 -30.73 -4.83
C GLU A 679 4.65 -30.12 -3.55
N GLY A 680 4.29 -28.87 -3.30
CA GLY A 680 4.74 -28.18 -2.10
C GLY A 680 4.05 -28.78 -0.89
N VAL A 681 2.77 -29.10 -1.05
CA VAL A 681 2.00 -29.69 0.04
C VAL A 681 2.62 -31.02 0.44
N GLN A 682 2.94 -31.86 -0.55
CA GLN A 682 3.54 -33.16 -0.26
C GLN A 682 4.94 -32.99 0.35
N GLY A 683 5.65 -31.96 -0.09
CA GLY A 683 6.98 -31.71 0.45
C GLY A 683 6.86 -31.33 1.93
N ALA A 684 5.80 -30.59 2.26
CA ALA A 684 5.57 -30.18 3.64
C ALA A 684 5.25 -31.43 4.47
N TRP A 685 4.38 -32.29 3.94
CA TRP A 685 4.03 -33.54 4.61
C TRP A 685 5.29 -34.34 4.89
N ARG A 686 6.12 -34.48 3.86
CA ARG A 686 7.35 -35.25 3.97
C ARG A 686 8.28 -34.73 5.07
N PHE A 687 8.45 -33.42 5.13
CA PHE A 687 9.29 -32.80 6.15
C PHE A 687 8.74 -33.02 7.57
N LEU A 688 7.43 -32.79 7.75
CA LEU A 688 6.83 -32.97 9.07
C LEU A 688 6.84 -34.44 9.47
N ASN A 689 6.63 -35.33 8.50
CA ASN A 689 6.66 -36.76 8.77
C ASN A 689 8.04 -37.20 9.26
N ARG A 690 9.08 -36.66 8.65
CA ARG A 690 10.45 -37.02 9.02
C ARG A 690 10.85 -36.49 10.39
N ILE A 691 10.29 -35.36 10.79
CA ILE A 691 10.59 -34.81 12.11
C ILE A 691 9.93 -35.72 13.13
N TYR A 692 8.68 -36.06 12.89
CA TYR A 692 7.94 -36.93 13.80
C TYR A 692 8.59 -38.31 13.94
N ARG A 693 8.97 -38.90 12.80
CA ARG A 693 9.60 -40.22 12.78
C ARG A 693 10.93 -40.25 13.53
N ARG A 694 11.72 -39.20 13.36
CA ARG A 694 13.01 -39.11 14.03
C ARG A 694 12.85 -39.16 15.55
N VAL A 695 11.96 -38.33 16.06
CA VAL A 695 11.70 -38.24 17.50
C VAL A 695 10.99 -39.46 18.06
N ALA A 696 10.02 -39.97 17.31
CA ALA A 696 9.25 -41.14 17.74
C ALA A 696 10.14 -42.37 17.90
N GLU A 697 11.06 -42.54 16.95
CA GLU A 697 11.98 -43.66 16.94
C GLU A 697 12.91 -43.64 18.14
N ASP A 698 13.29 -42.46 18.59
CA ASP A 698 14.21 -42.33 19.72
C ASP A 698 13.54 -41.92 21.02
N ARG A 699 12.21 -41.92 21.03
CA ARG A 699 11.45 -41.50 22.21
C ARG A 699 11.84 -42.24 23.50
N GLU A 700 11.86 -43.56 23.45
CA GLU A 700 12.19 -44.35 24.64
C GLU A 700 13.59 -44.02 25.17
N ALA A 701 14.58 -44.00 24.29
CA ALA A 701 15.95 -43.70 24.70
C ALA A 701 16.07 -42.26 25.21
N LEU A 702 15.42 -41.32 24.53
CA LEU A 702 15.47 -39.92 24.94
C LEU A 702 14.96 -39.73 26.38
N LEU A 703 13.90 -40.46 26.73
CA LEU A 703 13.32 -40.36 28.07
C LEU A 703 14.29 -40.76 29.18
N GLU A 704 15.12 -41.76 28.92
CA GLU A 704 16.08 -42.22 29.93
C GLU A 704 17.42 -41.50 29.83
N THR A 705 17.47 -40.44 29.04
CA THR A 705 18.71 -39.70 28.87
C THR A 705 18.64 -38.29 29.42
N SER A 706 19.75 -37.82 29.98
CA SER A 706 19.81 -36.47 30.50
C SER A 706 20.37 -35.60 29.38
N GLY A 707 20.02 -34.32 29.36
CA GLY A 707 20.53 -33.45 28.32
C GLY A 707 21.79 -32.71 28.74
N VAL A 708 22.25 -32.98 29.95
CA VAL A 708 23.45 -32.32 30.48
C VAL A 708 24.75 -32.96 29.99
N PHE A 709 25.65 -32.13 29.48
CA PHE A 709 26.93 -32.59 29.00
C PHE A 709 27.95 -31.46 29.01
N GLN A 710 29.21 -31.80 28.78
CA GLN A 710 30.29 -30.82 28.77
C GLN A 710 30.79 -30.70 27.33
N ALA A 711 30.51 -29.57 26.69
CA ALA A 711 30.93 -29.34 25.31
C ALA A 711 32.40 -29.66 25.04
N GLU A 712 33.30 -29.20 25.91
CA GLU A 712 34.73 -29.44 25.72
C GLU A 712 35.08 -30.93 25.72
N ALA A 713 34.30 -31.73 26.45
CA ALA A 713 34.56 -33.16 26.53
C ALA A 713 34.01 -33.97 25.36
N LEU A 714 33.31 -33.33 24.43
CA LEU A 714 32.76 -34.05 23.29
C LEU A 714 33.85 -34.34 22.27
N GLU A 715 33.74 -35.51 21.62
CA GLU A 715 34.70 -35.91 20.59
C GLU A 715 33.96 -36.52 19.39
N GLY A 716 34.71 -36.77 18.31
CA GLY A 716 34.13 -37.36 17.12
C GLY A 716 32.83 -36.73 16.63
N LYS A 717 31.88 -37.58 16.25
CA LYS A 717 30.60 -37.12 15.74
C LYS A 717 29.80 -36.33 16.77
N ASP A 718 29.98 -36.63 18.04
CA ASP A 718 29.28 -35.89 19.09
C ASP A 718 29.69 -34.42 19.04
N ARG A 719 30.99 -34.16 18.89
CA ARG A 719 31.45 -32.78 18.84
C ARG A 719 31.06 -32.14 17.51
N GLU A 720 31.01 -32.96 16.47
CA GLU A 720 30.62 -32.49 15.15
C GLU A 720 29.15 -32.03 15.20
N LEU A 721 28.32 -32.82 15.90
CA LEU A 721 26.90 -32.51 16.00
C LEU A 721 26.71 -31.20 16.76
N TYR A 722 27.47 -31.03 17.83
CA TYR A 722 27.38 -29.83 18.63
C TYR A 722 27.66 -28.61 17.75
N GLY A 723 28.68 -28.73 16.90
CA GLY A 723 29.03 -27.64 16.00
C GLY A 723 27.90 -27.34 15.03
N LYS A 724 27.36 -28.38 14.40
CA LYS A 724 26.27 -28.22 13.45
C LYS A 724 25.03 -27.64 14.10
N LEU A 725 24.77 -28.02 15.35
CA LEU A 725 23.61 -27.52 16.06
C LEU A 725 23.68 -26.00 16.19
N HIS A 726 24.81 -25.49 16.65
CA HIS A 726 24.94 -24.06 16.81
C HIS A 726 25.04 -23.29 15.51
N GLU A 727 25.61 -23.90 14.48
CA GLU A 727 25.68 -23.23 13.20
C GLU A 727 24.23 -23.09 12.71
N THR A 728 23.42 -24.12 12.94
CA THR A 728 22.02 -24.09 12.53
C THR A 728 21.25 -23.03 13.30
N LEU A 729 21.47 -22.97 14.61
CA LEU A 729 20.80 -21.98 15.45
C LEU A 729 21.10 -20.56 14.96
N LYS A 730 22.36 -20.31 14.58
CA LYS A 730 22.76 -19.00 14.09
C LYS A 730 22.06 -18.66 12.78
N LYS A 731 22.10 -19.59 11.83
CA LYS A 731 21.46 -19.38 10.54
C LYS A 731 19.97 -19.12 10.69
N VAL A 732 19.30 -19.94 11.49
CA VAL A 732 17.86 -19.81 11.69
C VAL A 732 17.51 -18.49 12.37
N THR A 733 18.28 -18.13 13.39
CA THR A 733 18.05 -16.90 14.13
C THR A 733 18.25 -15.68 13.22
N GLU A 734 19.35 -15.67 12.48
CA GLU A 734 19.62 -14.53 11.60
C GLU A 734 18.68 -14.51 10.41
N ASP A 735 18.26 -15.68 9.93
CA ASP A 735 17.33 -15.72 8.81
C ASP A 735 15.99 -15.16 9.27
N LEU A 736 15.61 -15.47 10.51
CA LEU A 736 14.35 -14.98 11.05
C LEU A 736 14.40 -13.46 11.21
N GLU A 737 15.51 -12.97 11.75
CA GLU A 737 15.68 -11.53 11.97
C GLU A 737 15.78 -10.76 10.65
N ALA A 738 16.23 -11.44 9.60
CA ALA A 738 16.38 -10.82 8.28
C ALA A 738 15.15 -11.07 7.43
N LEU A 739 14.15 -11.74 8.01
CA LEU A 739 12.91 -12.04 7.30
C LEU A 739 13.06 -13.05 6.16
N ARG A 740 14.12 -13.85 6.20
CA ARG A 740 14.33 -14.88 5.17
C ARG A 740 13.76 -16.18 5.71
N PHE A 741 12.43 -16.24 5.82
CA PHE A 741 11.77 -17.41 6.37
C PHE A 741 11.92 -18.72 5.60
N ASN A 742 11.97 -18.65 4.26
CA ASN A 742 12.12 -19.87 3.50
C ASN A 742 13.50 -20.51 3.75
N THR A 743 14.54 -19.70 3.84
CA THR A 743 15.89 -20.22 4.08
C THR A 743 16.06 -20.75 5.52
N ALA A 744 15.27 -20.21 6.45
CA ALA A 744 15.34 -20.69 7.84
C ALA A 744 14.84 -22.14 7.86
N ILE A 745 13.77 -22.40 7.12
CA ILE A 745 13.22 -23.73 7.03
C ILE A 745 14.21 -24.67 6.34
N ALA A 746 14.92 -24.14 5.35
CA ALA A 746 15.90 -24.94 4.62
C ALA A 746 16.99 -25.38 5.59
N ALA A 747 17.43 -24.46 6.46
CA ALA A 747 18.44 -24.80 7.44
C ALA A 747 17.95 -25.91 8.38
N LEU A 748 16.66 -25.87 8.70
CA LEU A 748 16.06 -26.89 9.58
C LEU A 748 15.95 -28.24 8.89
N MET A 749 15.69 -28.22 7.59
CA MET A 749 15.58 -29.48 6.85
C MET A 749 16.97 -30.10 6.81
N GLU A 750 17.96 -29.24 6.59
CA GLU A 750 19.35 -29.66 6.50
C GLU A 750 19.82 -30.23 7.83
N PHE A 751 19.47 -29.57 8.94
CA PHE A 751 19.89 -30.07 10.24
C PHE A 751 19.17 -31.37 10.58
N LEU A 752 17.94 -31.54 10.10
CA LEU A 752 17.20 -32.78 10.35
C LEU A 752 17.96 -33.94 9.70
N ASN A 753 18.46 -33.71 8.49
CA ASN A 753 19.23 -34.75 7.80
C ASN A 753 20.50 -35.07 8.59
N ALA A 754 21.11 -34.05 9.19
CA ALA A 754 22.31 -34.25 10.00
C ALA A 754 21.95 -35.11 11.21
N LEU A 755 20.73 -34.96 11.72
CA LEU A 755 20.29 -35.75 12.87
C LEU A 755 20.15 -37.21 12.48
N TYR A 756 19.64 -37.46 11.27
CA TYR A 756 19.49 -38.83 10.79
C TYR A 756 20.87 -39.45 10.56
N GLU A 757 21.78 -38.68 9.96
CA GLU A 757 23.13 -39.17 9.69
C GLU A 757 23.85 -39.49 11.00
N TYR A 758 23.67 -38.62 11.99
CA TYR A 758 24.30 -38.80 13.28
C TYR A 758 23.86 -40.13 13.92
N ARG A 759 22.56 -40.40 13.90
CA ARG A 759 22.04 -41.61 14.52
C ARG A 759 22.44 -42.91 13.81
N LYS A 760 23.02 -42.78 12.63
CA LYS A 760 23.48 -43.97 11.93
C LYS A 760 24.71 -44.51 12.67
N ASP A 761 25.54 -43.59 13.14
CA ASP A 761 26.76 -43.96 13.85
C ASP A 761 26.72 -43.90 15.36
N ARG A 762 25.94 -42.96 15.90
CA ARG A 762 25.87 -42.78 17.35
C ARG A 762 24.50 -43.04 17.95
N PRO A 763 24.47 -43.36 19.26
CA PRO A 763 23.18 -43.61 19.91
C PRO A 763 22.59 -42.29 20.41
N VAL A 764 21.48 -42.41 21.14
CA VAL A 764 20.84 -41.24 21.71
C VAL A 764 21.75 -40.81 22.87
N THR A 765 22.39 -39.65 22.71
CA THR A 765 23.29 -39.13 23.73
C THR A 765 22.78 -37.82 24.29
N PRO A 766 23.38 -37.35 25.40
CA PRO A 766 22.95 -36.09 26.01
C PRO A 766 22.99 -34.95 24.99
N VAL A 767 24.05 -34.88 24.20
CA VAL A 767 24.17 -33.84 23.19
C VAL A 767 23.08 -33.98 22.13
N TYR A 768 22.67 -35.21 21.84
CA TYR A 768 21.62 -35.46 20.86
C TYR A 768 20.29 -34.97 21.44
N ARG A 769 20.06 -35.26 22.71
CA ARG A 769 18.83 -34.85 23.37
C ARG A 769 18.72 -33.33 23.34
N THR A 770 19.83 -32.64 23.56
CA THR A 770 19.84 -31.18 23.54
C THR A 770 19.57 -30.67 22.12
N ALA A 771 20.08 -31.40 21.12
CA ALA A 771 19.85 -31.01 19.72
C ALA A 771 18.36 -31.10 19.41
N ILE A 772 17.70 -32.14 19.92
CA ILE A 772 16.27 -32.31 19.71
C ILE A 772 15.50 -31.19 20.41
N ARG A 773 15.94 -30.83 21.61
CA ARG A 773 15.29 -29.78 22.37
C ARG A 773 15.37 -28.47 21.59
N TYR A 774 16.58 -28.12 21.14
CA TYR A 774 16.80 -26.90 20.36
C TYR A 774 16.00 -26.93 19.06
N TYR A 775 15.95 -28.10 18.43
CA TYR A 775 15.22 -28.23 17.18
C TYR A 775 13.75 -27.85 17.34
N LEU A 776 13.11 -28.38 18.38
CA LEU A 776 11.69 -28.10 18.62
C LEU A 776 11.46 -26.62 18.90
N GLN A 777 12.41 -25.99 19.59
CA GLN A 777 12.30 -24.56 19.88
C GLN A 777 12.41 -23.77 18.57
N MET A 778 13.38 -24.15 17.74
CA MET A 778 13.58 -23.46 16.46
C MET A 778 12.42 -23.71 15.50
N LEU A 779 11.77 -24.86 15.62
CA LEU A 779 10.65 -25.21 14.76
C LEU A 779 9.33 -24.56 15.13
N PHE A 780 9.18 -24.23 16.42
CA PHE A 780 7.94 -23.64 16.94
C PHE A 780 7.32 -22.52 16.12
N PRO A 781 8.11 -21.52 15.70
CA PRO A 781 7.55 -20.42 14.92
C PRO A 781 6.94 -20.85 13.58
N PHE A 782 7.49 -21.90 12.98
CA PHE A 782 7.04 -22.37 11.67
C PHE A 782 5.92 -23.40 11.71
N ALA A 783 6.13 -24.47 12.46
CA ALA A 783 5.15 -25.55 12.61
C ALA A 783 4.91 -25.71 14.11
N PRO A 784 4.22 -24.73 14.72
CA PRO A 784 3.91 -24.71 16.16
C PRO A 784 3.18 -25.91 16.77
N HIS A 785 2.22 -26.48 16.04
CA HIS A 785 1.46 -27.61 16.57
C HIS A 785 2.31 -28.84 16.78
N LEU A 786 3.03 -29.25 15.74
CA LEU A 786 3.88 -30.42 15.86
C LEU A 786 4.95 -30.18 16.92
N ALA A 787 5.56 -28.98 16.90
CA ALA A 787 6.60 -28.65 17.86
C ALA A 787 6.09 -28.81 19.29
N GLU A 788 4.97 -28.15 19.58
CA GLU A 788 4.36 -28.21 20.91
C GLU A 788 4.03 -29.65 21.29
N GLU A 789 3.53 -30.42 20.33
CA GLU A 789 3.18 -31.82 20.59
C GLU A 789 4.38 -32.65 21.02
N LEU A 790 5.45 -32.60 20.23
CA LEU A 790 6.65 -33.38 20.52
C LEU A 790 7.36 -32.89 21.78
N TRP A 791 7.28 -31.60 22.02
CA TRP A 791 7.91 -31.01 23.18
C TRP A 791 7.34 -31.61 24.46
N HIS A 792 6.02 -31.79 24.49
CA HIS A 792 5.36 -32.34 25.68
C HIS A 792 5.65 -33.80 25.92
N TRP A 793 6.46 -34.41 25.06
CA TRP A 793 6.81 -35.82 25.25
C TRP A 793 7.94 -35.91 26.25
N PHE A 794 8.72 -34.83 26.38
CA PHE A 794 9.88 -34.83 27.24
C PHE A 794 9.96 -33.67 28.23
N TRP A 795 9.26 -32.58 27.93
CA TRP A 795 9.29 -31.39 28.78
C TRP A 795 7.90 -30.95 29.27
N PRO A 796 7.83 -30.42 30.49
CA PRO A 796 6.58 -29.96 31.14
C PRO A 796 5.80 -28.77 30.57
N ASP A 797 6.42 -27.61 30.50
CA ASP A 797 5.72 -26.42 30.03
C ASP A 797 5.62 -26.27 28.51
N SER A 798 5.04 -25.15 28.09
CA SER A 798 4.85 -24.84 26.68
C SER A 798 6.12 -24.27 26.04
N LEU A 799 6.20 -24.37 24.72
CA LEU A 799 7.37 -23.84 24.02
C LEU A 799 7.43 -22.33 24.19
N PHE A 800 6.28 -21.69 24.42
CA PHE A 800 6.27 -20.25 24.63
C PHE A 800 7.04 -19.90 25.90
N GLU A 801 7.16 -20.85 26.81
CA GLU A 801 7.85 -20.61 28.06
C GLU A 801 9.32 -21.02 28.05
N ALA A 802 9.72 -21.76 27.03
CA ALA A 802 11.10 -22.23 26.92
C ALA A 802 12.10 -21.18 26.46
N GLY A 803 11.61 -20.13 25.82
CA GLY A 803 12.49 -19.10 25.32
C GLY A 803 13.17 -19.53 24.03
N TRP A 804 14.18 -18.77 23.60
CA TRP A 804 14.91 -19.07 22.39
C TRP A 804 16.28 -19.59 22.80
N PRO A 805 16.78 -20.65 22.15
CA PRO A 805 18.08 -21.23 22.47
C PRO A 805 19.22 -20.22 22.44
N GLU A 806 20.17 -20.38 23.35
CA GLU A 806 21.30 -19.47 23.43
C GLU A 806 22.44 -19.98 22.55
N LEU A 807 22.90 -19.12 21.66
CA LEU A 807 23.99 -19.46 20.75
C LEU A 807 25.35 -19.56 21.45
N ASP A 808 26.13 -20.54 21.05
CA ASP A 808 27.47 -20.74 21.59
C ASP A 808 28.47 -20.27 20.54
N GLU A 809 29.01 -19.07 20.74
CA GLU A 809 29.97 -18.47 19.81
C GLU A 809 31.16 -19.38 19.52
N LYS A 810 31.76 -19.89 20.59
CA LYS A 810 32.92 -20.77 20.45
C LYS A 810 32.68 -21.99 19.59
N ALA A 811 31.50 -22.58 19.72
CA ALA A 811 31.15 -23.76 18.94
C ALA A 811 31.24 -23.48 17.45
N LEU A 812 31.15 -22.22 17.07
CA LEU A 812 31.20 -21.83 15.67
C LEU A 812 32.62 -21.76 15.12
N GLU A 813 33.60 -21.64 16.01
CA GLU A 813 35.01 -21.55 15.62
C GLU A 813 35.55 -22.83 14.97
N LYS A 814 36.68 -22.70 14.29
CA LYS A 814 37.32 -23.83 13.62
C LYS A 814 36.38 -24.45 12.58
#